data_3W88
#
_entry.id   3W88
#
_cell.length_a   67.974
_cell.length_b   71.518
_cell.length_c   129.537
_cell.angle_alpha   90.000
_cell.angle_beta   90.000
_cell.angle_gamma   90.000
#
_symmetry.space_group_name_H-M   'P 21 21 21'
#
loop_
_entity.id
_entity.type
_entity.pdbx_description
1 polymer 'Dihydroorotate dehydrogenase (fumarate)'
2 non-polymer '5-[4-(6-carboxynaphthalen-2-yl)butyl]-2,6-dioxo-1,2,3,6-tetrahydropyrimidine-4-carboxylic acid'
3 non-polymer GLYCEROL
4 non-polymer 'CACODYLATE ION'
5 non-polymer 'FLAVIN MONONUCLEOTIDE'
6 non-polymer 1,2-ETHANEDIOL
7 non-polymer DI(HYDROXYETHYL)ETHER
8 non-polymer 'COBALT HEXAMMINE(III)'
9 water water
#
_entity_poly.entity_id   1
_entity_poly.type   'polypeptide(L)'
_entity_poly.pdbx_seq_one_letter_code
;SMCLKLNLLDHVFANPFMNAAGVLCSTEEDLRCMTASSSGALVSKSCTSAPRDGNPEPRYMAFPLGSINSMGLPNLGFDF
YLKYASDLHDYSKKPLFLSISGLSVEENVAMVRRLAPVAQEKGVLLELNLSCPNVPGKPQVAYDFEAMRTYLQQVSLAYG
LPFGVKMPPYFDIAHFDTAAAVLNEFPLVKFVTCVNSVGNGLVIDAESESVVIKPKQGFGGLGGKYILPTALANVNAFYR
RCPDKLVFGCGGVYSGEDAFLHILAGASMVQVGTALQEEGPGIFTRLEDELLEIMARKGYRTLEEFRGRVKTIE
;
_entity_poly.pdbx_strand_id   A,B
#
loop_
_chem_comp.id
_chem_comp.type
_chem_comp.name
_chem_comp.formula
CAC non-polymer 'CACODYLATE ION' 'C2 H6 As O2 -1'
EDO non-polymer 1,2-ETHANEDIOL 'C2 H6 O2'
FMN non-polymer 'FLAVIN MONONUCLEOTIDE' 'C17 H21 N4 O9 P'
GOL non-polymer GLYCEROL 'C3 H8 O3'
NCO non-polymer 'COBALT HEXAMMINE(III)' 'Co H18 N6 3'
PEG non-polymer DI(HYDROXYETHYL)ETHER 'C4 H10 O3'
W88 non-polymer '5-[4-(6-carboxynaphthalen-2-yl)butyl]-2,6-dioxo-1,2,3,6-tetrahydropyrimidine-4-carboxylic acid' 'C20 H18 N2 O6'
#
# COMPACT_ATOMS: atom_id res chain seq x y z
N SER A 1 5.47 30.73 -12.51
CA SER A 1 4.95 31.87 -11.73
C SER A 1 4.04 32.66 -12.67
N MET A 2 3.29 33.60 -12.13
CA MET A 2 2.24 34.29 -12.90
C MET A 2 0.99 33.47 -13.07
N CYS A 3 0.88 32.65 -14.10
CA CYS A 3 -0.37 31.80 -14.19
C CYS A 3 0.04 30.38 -14.57
N LEU A 4 -0.85 29.43 -14.12
CA LEU A 4 -0.69 27.95 -14.13
C LEU A 4 -1.36 27.30 -15.33
N LYS A 5 -1.77 28.05 -16.38
N LYS A 5 -1.81 28.10 -16.36
CA LYS A 5 -2.70 27.43 -17.34
CA LYS A 5 -2.59 27.50 -17.49
C LYS A 5 -1.85 26.43 -18.19
C LYS A 5 -1.63 26.66 -18.30
N LEU A 6 -2.46 25.45 -18.77
CA LEU A 6 -1.73 24.51 -19.60
C LEU A 6 -2.61 23.90 -20.66
N ASN A 7 -2.02 23.27 -21.65
CA ASN A 7 -2.77 22.60 -22.70
C ASN A 7 -2.45 21.16 -22.72
N LEU A 8 -3.49 20.31 -22.79
CA LEU A 8 -3.43 18.87 -22.86
C LEU A 8 -4.60 18.21 -23.57
N LEU A 9 -4.39 17.15 -24.30
CA LEU A 9 -5.47 16.37 -24.85
C LEU A 9 -6.39 17.28 -25.72
N ASP A 10 -5.82 18.23 -26.44
N ASP A 10 -5.74 18.32 -26.30
CA ASP A 10 -6.65 19.13 -27.26
CA ASP A 10 -6.37 19.38 -27.15
C ASP A 10 -7.68 19.86 -26.43
C ASP A 10 -7.45 20.21 -26.45
N HIS A 11 -7.31 20.19 -25.17
CA HIS A 11 -8.03 21.11 -24.29
C HIS A 11 -7.16 22.15 -23.56
N VAL A 12 -7.65 23.25 -23.10
N VAL A 12 -7.64 23.26 -23.11
CA VAL A 12 -6.92 24.20 -22.32
CA VAL A 12 -6.91 24.21 -22.32
C VAL A 12 -7.40 24.18 -20.89
C VAL A 12 -7.39 24.18 -20.89
N PHE A 13 -6.45 24.12 -19.96
CA PHE A 13 -6.76 24.08 -18.57
C PHE A 13 -6.11 25.29 -17.85
N ALA A 14 -6.86 25.90 -16.97
CA ALA A 14 -6.40 27.09 -16.18
C ALA A 14 -5.27 26.73 -15.22
N ASN A 15 -5.22 25.46 -14.84
CA ASN A 15 -4.28 25.03 -13.85
C ASN A 15 -4.37 23.48 -13.86
N PRO A 16 -3.45 22.77 -13.24
CA PRO A 16 -3.45 21.34 -13.35
C PRO A 16 -4.35 20.66 -12.35
N PHE A 17 -5.12 21.37 -11.54
CA PHE A 17 -5.86 20.71 -10.45
C PHE A 17 -7.23 20.27 -10.89
N MET A 18 -7.71 19.17 -10.34
CA MET A 18 -9.09 18.69 -10.48
C MET A 18 -9.44 17.83 -9.31
N ASN A 19 -10.74 17.56 -9.17
CA ASN A 19 -11.10 16.57 -8.16
C ASN A 19 -10.65 15.18 -8.64
N ALA A 20 -10.52 14.29 -7.69
CA ALA A 20 -10.41 12.85 -7.93
C ALA A 20 -11.83 12.31 -8.15
N ALA A 21 -11.96 11.32 -9.05
CA ALA A 21 -13.25 10.69 -9.23
C ALA A 21 -13.83 10.17 -7.95
N GLY A 22 -15.13 10.35 -7.80
CA GLY A 22 -15.85 10.01 -6.63
C GLY A 22 -16.01 11.06 -5.60
N VAL A 23 -15.16 12.10 -5.59
CA VAL A 23 -15.26 13.20 -4.62
C VAL A 23 -15.88 14.43 -5.20
N LEU A 24 -16.97 14.86 -4.58
CA LEU A 24 -17.72 16.05 -5.01
C LEU A 24 -18.13 16.01 -6.48
N CYS A 25 -18.78 14.96 -6.91
CA CYS A 25 -19.03 14.80 -8.31
C CYS A 25 -20.15 13.79 -8.63
N SER A 26 -21.00 13.49 -7.69
CA SER A 26 -22.00 12.49 -7.88
C SER A 26 -23.31 13.05 -8.38
N THR A 27 -23.76 14.16 -7.90
CA THR A 27 -25.00 14.76 -8.25
C THR A 27 -24.77 15.95 -9.18
N GLU A 28 -25.86 16.48 -9.77
CA GLU A 28 -25.80 17.69 -10.56
C GLU A 28 -25.29 18.86 -9.70
N GLU A 29 -25.76 18.96 -8.48
CA GLU A 29 -25.30 19.96 -7.48
C GLU A 29 -23.77 19.83 -7.35
N ASP A 30 -23.26 18.66 -7.11
CA ASP A 30 -21.81 18.47 -6.90
C ASP A 30 -21.06 18.92 -8.14
N LEU A 31 -21.48 18.55 -9.35
CA LEU A 31 -20.80 18.90 -10.58
C LEU A 31 -20.85 20.38 -10.85
N ARG A 32 -21.96 21.02 -10.50
N ARG A 32 -21.97 21.00 -10.52
CA ARG A 32 -22.04 22.47 -10.61
CA ARG A 32 -22.08 22.46 -10.59
C ARG A 32 -21.10 23.18 -9.62
C ARG A 32 -21.12 23.14 -9.61
N CYS A 33 -20.95 22.55 -8.41
CA CYS A 33 -20.03 23.12 -7.40
C CYS A 33 -18.62 22.97 -7.91
N MET A 34 -18.23 21.82 -8.41
CA MET A 34 -16.88 21.67 -8.99
C MET A 34 -16.60 22.62 -10.16
N THR A 35 -17.60 22.82 -10.99
CA THR A 35 -17.49 23.76 -12.10
C THR A 35 -17.29 25.21 -11.66
N ALA A 36 -17.98 25.59 -10.62
CA ALA A 36 -17.86 26.91 -10.00
C ALA A 36 -16.54 27.16 -9.24
N SER A 37 -15.87 26.10 -8.85
CA SER A 37 -14.62 26.18 -8.16
C SER A 37 -13.49 26.64 -9.11
N SER A 38 -12.37 26.90 -8.49
CA SER A 38 -11.22 27.33 -9.24
C SER A 38 -10.37 26.19 -9.85
N SER A 39 -10.86 24.98 -9.76
CA SER A 39 -10.15 23.84 -10.35
C SER A 39 -10.05 24.05 -11.84
N GLY A 40 -9.00 23.50 -12.40
CA GLY A 40 -8.72 23.46 -13.84
C GLY A 40 -9.65 22.56 -14.64
N ALA A 41 -10.17 21.51 -14.02
CA ALA A 41 -11.04 20.51 -14.64
C ALA A 41 -11.89 19.83 -13.52
N LEU A 42 -12.81 18.99 -13.95
CA LEU A 42 -13.53 18.12 -13.05
C LEU A 42 -13.76 16.74 -13.72
N VAL A 43 -13.96 15.75 -12.88
CA VAL A 43 -14.30 14.41 -13.33
C VAL A 43 -15.55 14.02 -12.59
N SER A 44 -16.45 13.30 -13.27
CA SER A 44 -17.66 12.78 -12.67
C SER A 44 -17.44 11.56 -11.82
N LYS A 45 -18.33 11.18 -10.95
CA LYS A 45 -18.33 9.92 -10.19
C LYS A 45 -18.31 8.73 -11.15
N SER A 46 -17.54 7.73 -10.89
CA SER A 46 -17.59 6.56 -11.76
C SER A 46 -19.03 6.00 -11.84
N CYS A 47 -19.44 5.71 -13.06
CA CYS A 47 -20.84 5.28 -13.26
C CYS A 47 -20.94 3.89 -13.75
N THR A 48 -22.17 3.43 -13.54
CA THR A 48 -22.63 2.08 -14.05
C THR A 48 -23.86 2.36 -14.93
N SER A 49 -24.30 1.34 -15.65
CA SER A 49 -25.40 1.51 -16.58
C SER A 49 -26.64 1.90 -15.86
N ALA A 50 -26.86 1.28 -14.72
CA ALA A 50 -27.96 1.60 -13.90
C ALA A 50 -27.54 2.36 -12.66
N PRO A 51 -28.54 3.16 -12.15
CA PRO A 51 -28.23 3.82 -10.87
C PRO A 51 -27.99 2.83 -9.74
N ARG A 52 -27.15 3.20 -8.78
CA ARG A 52 -26.86 2.39 -7.61
C ARG A 52 -26.93 3.20 -6.35
N ASP A 53 -27.48 2.61 -5.31
CA ASP A 53 -27.48 3.16 -3.97
C ASP A 53 -26.08 3.04 -3.27
N GLY A 54 -25.34 2.04 -3.65
CA GLY A 54 -24.06 1.78 -3.01
C GLY A 54 -24.26 1.04 -1.71
N ASN A 55 -23.20 0.96 -0.92
CA ASN A 55 -23.20 0.23 0.33
C ASN A 55 -23.84 0.97 1.48
N PRO A 56 -24.16 0.09 2.52
CA PRO A 56 -24.69 0.74 3.70
C PRO A 56 -23.68 1.63 4.41
N GLU A 57 -24.20 2.63 5.06
CA GLU A 57 -23.43 3.59 5.84
C GLU A 57 -23.23 3.08 7.23
N PRO A 58 -22.10 3.43 7.98
CA PRO A 58 -21.04 4.30 7.41
C PRO A 58 -20.12 3.63 6.40
N ARG A 59 -19.81 4.36 5.34
CA ARG A 59 -18.97 3.82 4.28
C ARG A 59 -17.76 4.66 3.87
N TYR A 60 -17.61 5.81 4.52
CA TYR A 60 -16.46 6.67 4.37
C TYR A 60 -16.13 7.23 5.73
N MET A 61 -14.85 7.24 6.13
CA MET A 61 -14.42 7.98 7.28
C MET A 61 -13.05 8.56 7.03
N ALA A 62 -12.82 9.72 7.58
CA ALA A 62 -11.56 10.39 7.48
C ALA A 62 -10.94 10.72 8.83
N PHE A 63 -9.62 10.80 8.81
CA PHE A 63 -8.76 10.88 9.96
C PHE A 63 -7.60 11.77 9.63
N PRO A 64 -6.82 12.15 10.63
CA PRO A 64 -5.74 13.10 10.35
C PRO A 64 -4.81 12.62 9.23
N LEU A 65 -4.54 11.34 9.10
CA LEU A 65 -3.66 10.86 8.05
C LEU A 65 -4.31 10.39 6.75
N GLY A 66 -5.62 10.46 6.69
CA GLY A 66 -6.32 10.07 5.50
C GLY A 66 -7.68 9.47 5.70
N SER A 67 -8.10 8.73 4.71
CA SER A 67 -9.46 8.23 4.67
C SER A 67 -9.51 6.77 4.29
N ILE A 68 -10.65 6.17 4.63
CA ILE A 68 -10.99 4.82 4.24
C ILE A 68 -12.41 4.84 3.67
N ASN A 69 -12.64 4.09 2.64
CA ASN A 69 -13.98 4.02 2.03
C ASN A 69 -14.24 2.67 1.40
N SER A 70 -15.50 2.34 1.53
N SER A 70 -15.50 2.34 1.53
CA SER A 70 -16.11 1.31 0.74
CA SER A 70 -16.11 1.30 0.73
C SER A 70 -17.48 1.74 0.25
C SER A 70 -17.48 1.74 0.25
N MET A 71 -17.48 2.65 -0.68
CA MET A 71 -18.73 3.31 -1.05
C MET A 71 -19.60 2.30 -1.72
N GLY A 72 -19.13 1.42 -2.53
CA GLY A 72 -19.97 0.52 -3.31
C GLY A 72 -20.48 1.11 -4.58
N LEU A 73 -19.77 2.03 -5.20
CA LEU A 73 -20.15 2.58 -6.47
C LEU A 73 -21.57 3.18 -6.43
N PRO A 74 -21.92 3.97 -5.45
CA PRO A 74 -23.20 4.74 -5.50
C PRO A 74 -23.14 5.75 -6.63
N ASN A 75 -24.07 5.78 -7.55
CA ASN A 75 -24.02 6.78 -8.59
C ASN A 75 -25.39 6.92 -9.24
N LEU A 76 -25.64 7.97 -9.99
CA LEU A 76 -26.94 8.23 -10.56
C LEU A 76 -27.17 7.50 -11.85
N GLY A 77 -26.24 6.72 -12.31
CA GLY A 77 -26.37 5.99 -13.57
C GLY A 77 -25.79 6.74 -14.76
N PHE A 78 -25.38 5.99 -15.77
CA PHE A 78 -24.77 6.56 -16.95
C PHE A 78 -25.62 7.58 -17.70
N ASP A 79 -26.93 7.32 -17.78
CA ASP A 79 -27.78 8.25 -18.47
C ASP A 79 -27.70 9.67 -17.90
N PHE A 80 -27.63 9.79 -16.59
CA PHE A 80 -27.48 11.07 -15.96
C PHE A 80 -26.15 11.77 -16.29
N TYR A 81 -25.07 11.05 -16.14
CA TYR A 81 -23.75 11.67 -16.42
C TYR A 81 -23.59 12.06 -17.89
N LEU A 82 -24.11 11.21 -18.75
CA LEU A 82 -24.15 11.51 -20.17
C LEU A 82 -24.98 12.78 -20.51
N LYS A 83 -26.14 12.92 -19.88
CA LYS A 83 -26.93 14.08 -20.00
C LYS A 83 -26.21 15.31 -19.44
N TYR A 84 -25.55 15.14 -18.32
CA TYR A 84 -24.76 16.24 -17.80
C TYR A 84 -23.72 16.69 -18.87
N ALA A 85 -22.99 15.72 -19.36
CA ALA A 85 -21.96 16.02 -20.38
C ALA A 85 -22.51 16.66 -21.70
N SER A 86 -23.67 16.14 -22.11
N SER A 86 -23.70 16.25 -22.11
CA SER A 86 -24.21 16.42 -23.45
CA SER A 86 -24.22 16.69 -23.42
C SER A 86 -25.09 17.75 -23.36
C SER A 86 -24.96 17.99 -23.28
N ASP A 87 -25.71 18.12 -22.19
CA ASP A 87 -26.66 19.24 -22.10
C ASP A 87 -26.40 20.26 -21.03
N LEU A 88 -25.75 19.88 -19.92
CA LEU A 88 -25.70 20.72 -18.74
C LEU A 88 -24.38 21.36 -18.48
N HIS A 89 -23.27 20.71 -18.75
CA HIS A 89 -21.95 21.26 -18.41
C HIS A 89 -21.62 22.46 -19.28
N ASP A 90 -21.06 23.44 -18.63
CA ASP A 90 -20.56 24.63 -19.27
C ASP A 90 -19.03 24.50 -19.60
N TYR A 91 -18.80 24.04 -20.83
CA TYR A 91 -17.46 23.82 -21.37
C TYR A 91 -16.61 25.09 -21.45
N SER A 92 -17.28 26.26 -21.41
CA SER A 92 -16.56 27.53 -21.41
C SER A 92 -15.83 27.70 -20.09
N LYS A 93 -16.26 27.01 -19.03
CA LYS A 93 -15.68 27.16 -17.71
C LYS A 93 -14.44 26.27 -17.55
N LYS A 94 -14.50 25.00 -17.92
CA LYS A 94 -13.38 24.04 -17.81
C LYS A 94 -13.74 22.75 -18.48
N PRO A 95 -12.72 21.94 -18.76
CA PRO A 95 -13.00 20.63 -19.31
C PRO A 95 -13.61 19.65 -18.35
N LEU A 96 -14.38 18.71 -18.85
CA LEU A 96 -15.04 17.69 -18.13
C LEU A 96 -14.53 16.37 -18.55
N PHE A 97 -14.20 15.49 -17.59
CA PHE A 97 -13.96 14.08 -17.69
C PHE A 97 -15.09 13.31 -17.14
N LEU A 98 -15.49 12.23 -17.82
CA LEU A 98 -16.52 11.30 -17.34
C LEU A 98 -15.85 10.00 -17.01
N SER A 99 -16.01 9.53 -15.80
CA SER A 99 -15.49 8.23 -15.34
C SER A 99 -16.55 7.14 -15.48
N ILE A 100 -16.14 6.04 -16.11
N ILE A 100 -16.09 6.03 -16.07
CA ILE A 100 -17.04 4.87 -16.14
CA ILE A 100 -16.94 4.84 -16.35
C ILE A 100 -16.43 3.65 -15.59
C ILE A 100 -16.40 3.64 -15.49
N SER A 101 -17.24 2.92 -14.81
CA SER A 101 -16.85 1.71 -14.10
C SER A 101 -17.97 0.66 -14.15
N GLY A 102 -18.22 0.17 -15.32
CA GLY A 102 -19.21 -0.89 -15.49
C GLY A 102 -18.75 -2.17 -14.84
N LEU A 103 -19.71 -3.03 -14.47
CA LEU A 103 -19.43 -4.29 -13.72
C LEU A 103 -18.97 -5.47 -14.66
N SER A 104 -19.08 -5.25 -15.96
CA SER A 104 -18.56 -6.18 -16.97
C SER A 104 -17.94 -5.47 -18.15
N VAL A 105 -17.20 -6.18 -18.98
CA VAL A 105 -16.67 -5.57 -20.18
C VAL A 105 -17.82 -5.13 -21.08
N GLU A 106 -18.87 -5.94 -21.13
CA GLU A 106 -20.00 -5.61 -22.02
C GLU A 106 -20.69 -4.32 -21.62
N GLU A 107 -20.81 -4.14 -20.33
CA GLU A 107 -21.41 -2.92 -19.76
C GLU A 107 -20.58 -1.68 -20.12
N ASN A 108 -19.29 -1.81 -19.96
CA ASN A 108 -18.40 -0.76 -20.35
C ASN A 108 -18.44 -0.46 -21.84
N VAL A 109 -18.44 -1.52 -22.68
CA VAL A 109 -18.52 -1.30 -24.11
C VAL A 109 -19.81 -0.56 -24.51
N ALA A 110 -20.92 -0.97 -23.90
CA ALA A 110 -22.18 -0.33 -24.18
C ALA A 110 -22.20 1.17 -23.81
N MET A 111 -21.57 1.48 -22.70
CA MET A 111 -21.52 2.90 -22.29
C MET A 111 -20.64 3.70 -23.17
N VAL A 112 -19.45 3.16 -23.50
CA VAL A 112 -18.55 3.90 -24.33
C VAL A 112 -19.05 4.18 -25.73
N ARG A 113 -19.83 3.25 -26.26
N ARG A 113 -19.83 3.24 -26.25
CA ARG A 113 -20.46 3.43 -27.60
CA ARG A 113 -20.46 3.42 -27.60
C ARG A 113 -21.42 4.62 -27.61
C ARG A 113 -21.43 4.62 -27.61
N ARG A 114 -22.09 4.79 -26.49
CA ARG A 114 -22.96 5.99 -26.26
C ARG A 114 -22.25 7.29 -25.96
N LEU A 115 -21.11 7.20 -25.28
CA LEU A 115 -20.36 8.35 -25.01
C LEU A 115 -19.67 9.01 -26.21
N ALA A 116 -19.21 8.10 -27.15
CA ALA A 116 -18.44 8.53 -28.28
C ALA A 116 -18.93 9.76 -29.03
N PRO A 117 -20.26 9.78 -29.48
CA PRO A 117 -20.72 10.98 -30.13
C PRO A 117 -20.77 12.27 -29.33
N VAL A 118 -20.98 12.10 -28.00
CA VAL A 118 -20.92 13.23 -27.08
C VAL A 118 -19.47 13.77 -26.88
N ALA A 119 -18.54 12.78 -26.81
CA ALA A 119 -17.10 13.10 -26.85
C ALA A 119 -16.71 13.94 -28.13
N GLN A 120 -17.22 13.47 -29.30
CA GLN A 120 -16.92 14.18 -30.52
C GLN A 120 -17.56 15.47 -30.63
N GLU A 121 -18.80 15.57 -30.16
CA GLU A 121 -19.55 16.82 -30.32
C GLU A 121 -19.15 17.93 -29.27
N LYS A 122 -18.96 17.48 -28.00
CA LYS A 122 -18.75 18.37 -26.87
C LYS A 122 -17.28 18.35 -26.31
N GLY A 123 -16.56 17.30 -26.55
CA GLY A 123 -15.16 17.19 -26.10
C GLY A 123 -15.05 16.68 -24.65
N VAL A 124 -16.10 16.15 -24.06
CA VAL A 124 -15.98 15.37 -22.81
C VAL A 124 -14.94 14.32 -22.94
N LEU A 125 -14.10 14.06 -21.94
CA LEU A 125 -13.02 13.12 -21.96
C LEU A 125 -13.27 11.92 -21.11
N LEU A 126 -13.06 10.75 -21.55
CA LEU A 126 -13.25 9.49 -20.83
C LEU A 126 -12.09 9.08 -19.92
N GLU A 127 -12.40 8.84 -18.64
CA GLU A 127 -11.50 8.17 -17.72
C GLU A 127 -12.12 6.83 -17.37
N LEU A 128 -11.53 5.71 -17.88
CA LEU A 128 -11.99 4.38 -17.64
C LEU A 128 -11.48 3.84 -16.37
N ASN A 129 -12.34 3.52 -15.43
CA ASN A 129 -11.88 3.03 -14.13
C ASN A 129 -11.61 1.53 -14.16
N LEU A 130 -10.35 1.14 -14.10
CA LEU A 130 -9.87 -0.27 -14.19
C LEU A 130 -9.73 -0.95 -12.87
N SER A 131 -10.37 -0.40 -11.85
CA SER A 131 -10.74 -1.04 -10.55
C SER A 131 -12.19 -1.68 -10.49
N CYS A 132 -12.53 -2.70 -9.71
N CYS A 132 -12.59 -2.71 -9.75
CA CYS A 132 -13.69 -3.71 -9.75
CA CYS A 132 -13.81 -3.61 -9.90
C CYS A 132 -14.31 -4.12 -8.36
C CYS A 132 -14.27 -4.19 -8.50
N PRO A 133 -15.91 -4.62 -8.14
CA PRO A 133 -16.23 -5.33 -6.91
C PRO A 133 -15.40 -6.63 -6.73
N ASN A 134 -15.31 -7.12 -5.50
CA ASN A 134 -14.80 -8.47 -5.32
C ASN A 134 -15.69 -9.55 -5.96
N VAL A 135 -15.08 -10.43 -6.74
CA VAL A 135 -15.73 -11.66 -7.25
C VAL A 135 -14.85 -12.78 -6.65
N PRO A 136 -15.38 -13.53 -5.63
CA PRO A 136 -14.53 -14.63 -5.09
C PRO A 136 -13.90 -15.49 -6.21
N GLY A 137 -12.59 -15.72 -6.07
CA GLY A 137 -11.82 -16.45 -7.07
C GLY A 137 -11.32 -15.55 -8.20
N LYS A 138 -11.55 -14.21 -8.13
CA LYS A 138 -11.02 -13.18 -9.19
C LYS A 138 -10.53 -11.73 -8.77
N PRO A 139 -9.20 -11.42 -9.06
CA PRO A 139 -8.71 -10.10 -8.63
C PRO A 139 -9.27 -9.03 -9.50
N GLN A 140 -9.21 -7.75 -9.05
N GLN A 140 -9.16 -7.80 -9.07
CA GLN A 140 -9.70 -6.58 -9.84
CA GLN A 140 -9.50 -6.67 -9.86
C GLN A 140 -8.92 -6.65 -11.16
C GLN A 140 -8.87 -6.73 -11.24
N VAL A 141 -9.62 -6.19 -12.19
CA VAL A 141 -9.18 -6.21 -13.57
C VAL A 141 -7.74 -5.69 -13.72
N ALA A 142 -7.34 -4.54 -13.07
CA ALA A 142 -5.96 -4.07 -13.35
C ALA A 142 -4.92 -4.88 -12.68
N TYR A 143 -5.33 -5.83 -11.82
CA TYR A 143 -4.44 -6.80 -11.21
C TYR A 143 -4.43 -8.17 -11.87
N ASP A 144 -5.13 -8.25 -13.01
CA ASP A 144 -5.16 -9.47 -13.85
C ASP A 144 -4.79 -8.98 -15.28
N PHE A 145 -3.54 -9.10 -15.64
CA PHE A 145 -3.04 -8.40 -16.82
C PHE A 145 -3.66 -8.87 -18.09
N GLU A 146 -4.10 -10.13 -18.21
N GLU A 146 -3.95 -10.17 -18.10
CA GLU A 146 -4.77 -10.54 -19.49
CA GLU A 146 -4.57 -10.74 -19.25
C GLU A 146 -6.22 -10.06 -19.48
C GLU A 146 -5.95 -10.18 -19.44
N ALA A 147 -6.81 -10.04 -18.35
CA ALA A 147 -8.10 -9.41 -18.34
C ALA A 147 -8.06 -7.93 -18.76
N MET A 148 -7.04 -7.22 -18.25
CA MET A 148 -6.89 -5.84 -18.56
C MET A 148 -6.66 -5.55 -20.06
N ARG A 149 -5.80 -6.33 -20.67
CA ARG A 149 -5.56 -6.27 -22.06
C ARG A 149 -6.90 -6.52 -22.85
N THR A 150 -7.68 -7.49 -22.47
CA THR A 150 -9.08 -7.64 -23.11
C THR A 150 -9.96 -6.45 -23.02
N TYR A 151 -10.17 -5.87 -21.81
N TYR A 151 -10.02 -6.00 -21.82
CA TYR A 151 -11.02 -4.66 -21.64
CA TYR A 151 -10.82 -4.98 -21.52
C TYR A 151 -10.52 -3.58 -22.53
C TYR A 151 -10.49 -3.82 -22.46
N LEU A 152 -9.21 -3.40 -22.57
CA LEU A 152 -8.79 -2.27 -23.29
C LEU A 152 -8.93 -2.46 -24.78
N GLN A 153 -8.70 -3.70 -25.23
CA GLN A 153 -8.95 -4.03 -26.63
C GLN A 153 -10.41 -3.74 -27.02
N GLN A 154 -11.32 -4.19 -26.21
N GLN A 154 -11.28 -4.25 -26.15
CA GLN A 154 -12.73 -3.97 -26.56
CA GLN A 154 -12.75 -4.09 -26.32
C GLN A 154 -13.15 -2.52 -26.44
C GLN A 154 -13.24 -2.67 -26.29
N VAL A 155 -12.70 -1.85 -25.36
CA VAL A 155 -13.07 -0.46 -25.25
C VAL A 155 -12.52 0.36 -26.36
N SER A 156 -11.20 0.18 -26.69
CA SER A 156 -10.59 0.92 -27.75
C SER A 156 -11.41 0.77 -29.04
N LEU A 157 -11.77 -0.47 -29.32
CA LEU A 157 -12.56 -0.78 -30.56
C LEU A 157 -13.92 -0.09 -30.53
N ALA A 158 -14.57 -0.22 -29.40
CA ALA A 158 -15.92 0.32 -29.23
C ALA A 158 -15.97 1.81 -29.26
N TYR A 159 -14.93 2.46 -28.64
CA TYR A 159 -14.92 3.86 -28.40
C TYR A 159 -14.29 4.62 -29.55
N GLY A 160 -13.10 4.18 -29.97
CA GLY A 160 -12.47 4.73 -31.09
C GLY A 160 -11.85 6.07 -31.02
N LEU A 161 -11.78 6.65 -29.78
CA LEU A 161 -11.33 7.99 -29.56
C LEU A 161 -10.34 7.98 -28.31
N PRO A 162 -9.53 9.00 -28.23
CA PRO A 162 -8.49 9.12 -27.12
C PRO A 162 -9.24 9.02 -25.77
N PHE A 163 -8.67 8.24 -24.84
CA PHE A 163 -9.25 8.11 -23.50
C PHE A 163 -8.12 7.90 -22.53
N GLY A 164 -8.44 7.85 -21.25
CA GLY A 164 -7.45 7.50 -20.21
C GLY A 164 -8.00 6.46 -19.31
N VAL A 165 -7.12 5.99 -18.43
N VAL A 165 -7.10 5.95 -18.49
CA VAL A 165 -7.33 4.83 -17.57
CA VAL A 165 -7.46 4.94 -17.57
C VAL A 165 -6.89 5.10 -16.11
C VAL A 165 -7.10 5.42 -16.17
N LYS A 166 -7.84 4.92 -15.19
CA LYS A 166 -7.56 5.09 -13.75
C LYS A 166 -7.06 3.73 -13.24
N MET A 167 -5.82 3.77 -12.69
CA MET A 167 -5.12 2.56 -12.23
C MET A 167 -5.11 2.41 -10.75
N PRO A 168 -5.14 1.20 -10.20
CA PRO A 168 -4.80 0.94 -8.84
C PRO A 168 -3.31 1.03 -8.67
N PRO A 169 -2.82 1.23 -7.47
CA PRO A 169 -1.41 1.16 -7.22
C PRO A 169 -0.81 -0.22 -7.42
N TYR A 170 0.43 -0.26 -7.86
CA TYR A 170 1.27 -1.49 -7.84
C TYR A 170 2.42 -1.31 -6.94
N PHE A 171 3.00 -2.40 -6.49
CA PHE A 171 3.98 -2.44 -5.40
C PHE A 171 5.20 -3.27 -5.77
N ASP A 172 5.31 -3.61 -7.04
CA ASP A 172 6.33 -4.59 -7.44
C ASP A 172 6.81 -4.12 -8.81
N ILE A 173 8.11 -4.05 -9.04
CA ILE A 173 8.66 -3.53 -10.29
C ILE A 173 8.26 -4.32 -11.48
N ALA A 174 8.25 -5.64 -11.29
CA ALA A 174 7.76 -6.49 -12.42
C ALA A 174 6.36 -6.18 -12.79
N HIS A 175 5.54 -5.81 -11.82
CA HIS A 175 4.16 -5.40 -12.14
C HIS A 175 4.08 -4.06 -12.87
N PHE A 176 4.89 -3.14 -12.46
CA PHE A 176 5.04 -1.92 -13.23
C PHE A 176 5.35 -2.20 -14.73
N ASP A 177 6.35 -3.07 -14.90
CA ASP A 177 6.78 -3.34 -16.28
C ASP A 177 5.62 -3.99 -17.07
N THR A 178 4.96 -4.94 -16.46
CA THR A 178 3.90 -5.65 -17.18
C THR A 178 2.72 -4.78 -17.45
N ALA A 179 2.32 -3.98 -16.45
CA ALA A 179 1.16 -3.09 -16.62
C ALA A 179 1.39 -2.03 -17.65
N ALA A 180 2.58 -1.39 -17.66
CA ALA A 180 2.89 -0.39 -18.61
C ALA A 180 2.94 -0.95 -20.02
N ALA A 181 3.53 -2.14 -20.11
CA ALA A 181 3.55 -2.78 -21.44
C ALA A 181 2.18 -3.01 -21.97
N VAL A 182 1.24 -3.44 -21.17
CA VAL A 182 -0.17 -3.59 -21.56
C VAL A 182 -0.63 -2.26 -22.11
N LEU A 183 -0.51 -1.20 -21.26
CA LEU A 183 -1.04 0.04 -21.69
C LEU A 183 -0.51 0.61 -22.93
N ASN A 184 0.80 0.30 -23.19
CA ASN A 184 1.51 0.81 -24.35
C ASN A 184 1.05 0.04 -25.67
N GLU A 185 0.31 -1.03 -25.56
CA GLU A 185 -0.29 -1.69 -26.73
C GLU A 185 -1.45 -0.87 -27.31
N PHE A 186 -1.94 0.06 -26.52
CA PHE A 186 -3.14 0.85 -26.89
C PHE A 186 -2.87 2.30 -27.16
N PRO A 187 -2.78 2.64 -28.41
CA PRO A 187 -2.46 4.01 -28.76
C PRO A 187 -3.54 5.08 -28.37
N LEU A 188 -4.78 4.62 -28.27
CA LEU A 188 -5.88 5.45 -27.82
C LEU A 188 -5.86 5.81 -26.35
N VAL A 189 -5.09 5.07 -25.59
CA VAL A 189 -4.91 5.39 -24.16
C VAL A 189 -3.89 6.53 -24.06
N LYS A 190 -4.39 7.75 -23.89
CA LYS A 190 -3.58 8.93 -23.96
C LYS A 190 -3.12 9.41 -22.52
N PHE A 191 -3.87 8.98 -21.53
CA PHE A 191 -3.44 9.35 -20.13
C PHE A 191 -3.71 8.20 -19.30
N VAL A 192 -2.92 8.16 -18.20
CA VAL A 192 -2.89 7.19 -17.18
C VAL A 192 -3.04 7.91 -15.82
N THR A 193 -4.03 7.61 -15.06
CA THR A 193 -4.20 8.28 -13.76
C THR A 193 -3.76 7.34 -12.69
N CYS A 194 -2.71 7.72 -11.95
CA CYS A 194 -2.11 6.95 -10.86
C CYS A 194 -2.23 7.78 -9.63
N VAL A 195 -3.00 7.40 -8.61
CA VAL A 195 -3.58 6.08 -8.37
C VAL A 195 -4.96 6.17 -7.78
N ASN A 196 -5.72 5.09 -7.91
CA ASN A 196 -6.89 4.82 -7.08
C ASN A 196 -6.44 4.54 -5.63
N SER A 197 -7.43 4.36 -4.77
CA SER A 197 -7.12 4.10 -3.37
C SER A 197 -6.30 2.85 -3.21
N VAL A 198 -5.49 2.80 -2.14
CA VAL A 198 -4.70 1.61 -1.75
C VAL A 198 -5.69 0.65 -1.16
N GLY A 199 -5.84 -0.49 -1.81
CA GLY A 199 -6.96 -1.36 -1.58
C GLY A 199 -6.94 -2.06 -0.20
N ASN A 200 -8.13 -2.21 0.34
CA ASN A 200 -8.39 -3.14 1.44
C ASN A 200 -7.45 -2.91 2.66
N GLY A 201 -7.36 -1.63 3.07
CA GLY A 201 -6.89 -1.31 4.43
C GLY A 201 -7.93 -1.51 5.47
N LEU A 202 -7.59 -1.33 6.72
CA LEU A 202 -8.48 -1.62 7.87
C LEU A 202 -8.15 -0.63 8.93
N VAL A 203 -9.09 0.30 9.19
CA VAL A 203 -8.99 1.24 10.30
C VAL A 203 -9.80 0.77 11.50
N ILE A 204 -9.20 0.73 12.65
CA ILE A 204 -9.84 0.30 13.86
C ILE A 204 -9.78 1.46 14.89
N ASP A 205 -10.89 1.70 15.55
CA ASP A 205 -10.96 2.64 16.64
C ASP A 205 -10.63 1.96 17.96
N ALA A 206 -9.64 2.48 18.67
CA ALA A 206 -9.25 1.87 19.92
C ALA A 206 -10.26 2.02 21.06
N GLU A 207 -10.93 3.12 21.20
N GLU A 207 -10.93 3.12 21.20
CA GLU A 207 -11.92 3.24 22.26
CA GLU A 207 -11.91 3.24 22.25
C GLU A 207 -13.08 2.28 22.11
C GLU A 207 -13.08 2.29 22.11
N SER A 208 -13.62 2.17 20.91
CA SER A 208 -14.80 1.35 20.72
C SER A 208 -14.41 -0.09 20.33
N GLU A 209 -13.14 -0.32 20.01
CA GLU A 209 -12.64 -1.67 19.60
C GLU A 209 -13.26 -2.17 18.30
N SER A 210 -13.71 -1.21 17.50
N SER A 210 -13.67 -1.24 17.47
CA SER A 210 -14.55 -1.44 16.35
CA SER A 210 -14.44 -1.54 16.31
C SER A 210 -13.87 -0.94 15.09
C SER A 210 -13.85 -0.95 15.07
N VAL A 211 -14.11 -1.64 13.97
CA VAL A 211 -13.90 -1.07 12.68
C VAL A 211 -14.75 0.17 12.48
N VAL A 212 -14.42 1.05 11.53
CA VAL A 212 -15.11 2.32 11.41
C VAL A 212 -16.01 2.42 10.20
N ILE A 213 -15.93 1.53 9.24
CA ILE A 213 -16.93 1.43 8.17
C ILE A 213 -17.64 0.12 8.29
N LYS A 214 -18.90 0.11 7.83
CA LYS A 214 -19.79 -1.04 7.89
C LYS A 214 -19.54 -2.08 6.85
N PRO A 215 -19.40 -1.73 5.56
CA PRO A 215 -19.21 -2.77 4.60
C PRO A 215 -17.91 -3.60 4.74
N LYS A 216 -17.93 -4.82 4.24
N LYS A 216 -17.93 -4.82 4.24
CA LYS A 216 -16.73 -5.62 4.08
CA LYS A 216 -16.74 -5.62 4.09
C LYS A 216 -15.97 -5.77 5.41
C LYS A 216 -15.97 -5.77 5.41
N GLN A 217 -16.68 -5.86 6.51
CA GLN A 217 -16.05 -6.06 7.81
C GLN A 217 -14.99 -5.00 8.13
N GLY A 218 -15.23 -3.81 7.60
CA GLY A 218 -14.38 -2.64 7.89
C GLY A 218 -13.27 -2.36 6.86
N PHE A 219 -13.07 -3.28 5.92
CA PHE A 219 -11.97 -3.20 4.96
C PHE A 219 -12.38 -2.18 3.91
N GLY A 220 -11.49 -1.33 3.41
CA GLY A 220 -11.81 -0.32 2.42
C GLY A 220 -10.54 0.30 1.85
N GLY A 221 -10.72 1.08 0.82
CA GLY A 221 -9.60 1.71 0.12
C GLY A 221 -9.16 2.88 0.91
N LEU A 222 -7.81 3.05 0.98
CA LEU A 222 -7.18 4.15 1.66
C LEU A 222 -6.78 5.30 0.69
N GLY A 223 -7.01 6.50 1.21
CA GLY A 223 -6.53 7.68 0.59
C GLY A 223 -5.87 8.62 1.51
N GLY A 224 -5.29 9.74 1.04
CA GLY A 224 -4.76 10.76 1.87
C GLY A 224 -3.28 10.61 2.18
N LYS A 225 -2.87 11.11 3.35
N LYS A 225 -2.87 11.11 3.33
CA LYS A 225 -1.47 11.11 3.70
CA LYS A 225 -1.48 11.13 3.59
C LYS A 225 -0.81 9.76 3.66
C LYS A 225 -0.79 9.76 3.67
N TYR A 226 -1.52 8.73 4.03
CA TYR A 226 -1.04 7.38 4.01
C TYR A 226 -0.35 7.04 2.70
N ILE A 227 -0.89 7.53 1.57
CA ILE A 227 -0.59 6.96 0.28
C ILE A 227 0.25 7.81 -0.63
N LEU A 228 0.75 8.94 -0.12
CA LEU A 228 1.51 9.82 -1.00
C LEU A 228 2.76 9.16 -1.59
N PRO A 229 3.63 8.50 -0.80
CA PRO A 229 4.80 7.89 -1.49
C PRO A 229 4.45 6.77 -2.48
N THR A 230 3.37 6.04 -2.22
CA THR A 230 2.88 5.03 -3.12
C THR A 230 2.44 5.69 -4.40
N ALA A 231 1.67 6.76 -4.29
CA ALA A 231 1.17 7.47 -5.44
C ALA A 231 2.29 8.03 -6.29
N LEU A 232 3.28 8.68 -5.67
CA LEU A 232 4.45 9.21 -6.32
C LEU A 232 5.21 8.16 -7.10
N ALA A 233 5.37 7.01 -6.46
CA ALA A 233 6.07 5.88 -7.11
C ALA A 233 5.36 5.42 -8.36
N ASN A 234 4.06 5.32 -8.30
CA ASN A 234 3.27 4.91 -9.46
C ASN A 234 3.30 5.93 -10.58
N VAL A 235 3.13 7.20 -10.18
CA VAL A 235 3.21 8.27 -11.17
C VAL A 235 4.57 8.18 -11.88
N ASN A 236 5.63 8.10 -11.16
CA ASN A 236 6.97 8.12 -11.77
C ASN A 236 7.22 6.87 -12.55
N ALA A 237 6.78 5.72 -12.10
CA ALA A 237 7.01 4.43 -12.78
C ALA A 237 6.35 4.47 -14.13
N PHE A 238 5.10 4.92 -14.19
CA PHE A 238 4.40 5.05 -15.48
C PHE A 238 4.91 6.19 -16.31
N TYR A 239 5.31 7.28 -15.75
CA TYR A 239 5.92 8.37 -16.51
C TYR A 239 7.12 7.86 -17.25
N ARG A 240 7.95 7.10 -16.55
CA ARG A 240 9.19 6.54 -17.17
C ARG A 240 8.81 5.52 -18.25
N ARG A 241 7.82 4.68 -18.03
CA ARG A 241 7.54 3.56 -18.95
C ARG A 241 6.61 3.92 -20.11
N CYS A 242 5.93 5.04 -20.01
CA CYS A 242 4.92 5.44 -21.03
C CYS A 242 5.22 6.82 -21.55
N PRO A 243 6.33 6.94 -22.25
CA PRO A 243 6.73 8.25 -22.75
C PRO A 243 5.80 8.88 -23.76
N ASP A 244 4.98 8.11 -24.42
CA ASP A 244 4.04 8.67 -25.33
C ASP A 244 2.62 8.92 -24.77
N LYS A 245 2.50 8.88 -23.45
CA LYS A 245 1.26 9.12 -22.76
C LYS A 245 1.48 10.24 -21.72
N LEU A 246 0.40 10.84 -21.30
CA LEU A 246 0.39 11.63 -20.13
C LEU A 246 0.10 10.79 -18.89
N VAL A 247 0.59 11.24 -17.76
CA VAL A 247 0.28 10.63 -16.45
C VAL A 247 -0.40 11.70 -15.64
N PHE A 248 -1.54 11.39 -15.05
CA PHE A 248 -2.22 12.25 -14.13
C PHE A 248 -1.96 11.69 -12.72
N GLY A 249 -1.56 12.53 -11.80
CA GLY A 249 -1.26 12.13 -10.41
C GLY A 249 -2.45 12.21 -9.54
N CYS A 250 -2.68 11.25 -8.67
CA CYS A 250 -3.72 11.28 -7.71
C CYS A 250 -3.21 10.52 -6.48
N GLY A 251 -3.32 11.09 -5.28
CA GLY A 251 -3.02 10.39 -4.07
C GLY A 251 -2.24 11.25 -3.13
N GLY A 252 -2.83 11.60 -2.00
CA GLY A 252 -2.10 12.30 -0.96
C GLY A 252 -1.84 13.72 -1.15
N VAL A 253 -2.57 14.39 -2.04
CA VAL A 253 -2.37 15.85 -2.25
C VAL A 253 -3.19 16.63 -1.22
N TYR A 254 -2.50 17.37 -0.36
CA TYR A 254 -3.12 18.32 0.57
C TYR A 254 -2.56 19.67 0.36
N SER A 255 -1.46 19.88 -0.30
CA SER A 255 -0.81 21.19 -0.38
C SER A 255 -0.21 21.36 -1.75
N GLY A 256 0.15 22.60 -2.03
CA GLY A 256 0.88 22.89 -3.24
C GLY A 256 2.22 22.15 -3.29
N GLU A 257 2.84 21.96 -2.16
CA GLU A 257 4.06 21.15 -2.13
C GLU A 257 3.83 19.69 -2.58
N ASP A 258 2.74 19.12 -2.16
CA ASP A 258 2.43 17.75 -2.53
C ASP A 258 2.16 17.71 -4.04
N ALA A 259 1.49 18.71 -4.54
CA ALA A 259 1.29 18.81 -5.98
C ALA A 259 2.59 18.97 -6.77
N PHE A 260 3.47 19.77 -6.22
CA PHE A 260 4.80 19.96 -6.79
C PHE A 260 5.53 18.64 -6.87
N LEU A 261 5.42 17.81 -5.83
CA LEU A 261 6.09 16.52 -5.89
C LEU A 261 5.50 15.62 -6.99
N HIS A 262 4.17 15.60 -7.09
CA HIS A 262 3.50 14.79 -8.11
C HIS A 262 3.99 15.25 -9.51
N ILE A 263 4.12 16.59 -9.73
CA ILE A 263 4.52 17.08 -11.02
C ILE A 263 6.02 16.73 -11.24
N LEU A 264 6.87 16.86 -10.24
CA LEU A 264 8.23 16.43 -10.37
C LEU A 264 8.30 14.97 -10.77
N ALA A 265 7.42 14.13 -10.24
CA ALA A 265 7.39 12.69 -10.51
C ALA A 265 6.91 12.40 -11.93
N GLY A 266 6.29 13.40 -12.55
CA GLY A 266 5.76 13.28 -13.91
C GLY A 266 4.30 13.68 -14.16
N ALA A 267 3.55 14.10 -13.17
CA ALA A 267 2.14 14.43 -13.39
C ALA A 267 1.86 15.63 -14.27
N SER A 268 0.90 15.46 -15.16
CA SER A 268 0.37 16.55 -15.96
C SER A 268 -0.83 17.19 -15.25
N MET A 269 -1.86 16.45 -14.92
CA MET A 269 -2.91 16.91 -14.02
C MET A 269 -2.67 16.30 -12.68
N VAL A 270 -3.19 16.98 -11.67
CA VAL A 270 -3.09 16.57 -10.28
C VAL A 270 -4.50 16.55 -9.69
N GLN A 271 -4.91 15.37 -9.25
CA GLN A 271 -6.27 15.15 -8.75
C GLN A 271 -6.25 15.13 -7.23
N VAL A 272 -7.34 15.59 -6.63
CA VAL A 272 -7.45 15.79 -5.16
C VAL A 272 -8.70 15.07 -4.67
N GLY A 273 -8.53 14.04 -3.84
CA GLY A 273 -9.62 13.26 -3.34
C GLY A 273 -9.93 13.58 -1.89
N THR A 274 -9.30 12.84 -0.98
CA THR A 274 -9.51 12.97 0.46
C THR A 274 -9.45 14.44 0.90
N ALA A 275 -8.39 15.15 0.53
CA ALA A 275 -8.27 16.49 1.03
C ALA A 275 -9.42 17.40 0.62
N LEU A 276 -9.93 17.18 -0.58
CA LEU A 276 -11.09 17.92 -1.10
C LEU A 276 -12.35 17.52 -0.38
N GLN A 277 -12.49 16.24 -0.15
CA GLN A 277 -13.64 15.78 0.66
C GLN A 277 -13.64 16.47 2.01
N GLU A 278 -12.47 16.63 2.62
CA GLU A 278 -12.44 17.10 4.00
C GLU A 278 -12.47 18.63 4.01
N GLU A 279 -11.81 19.35 3.09
CA GLU A 279 -11.72 20.81 3.09
C GLU A 279 -12.75 21.53 2.29
N GLY A 280 -13.27 20.92 1.27
CA GLY A 280 -14.19 21.53 0.38
C GLY A 280 -13.45 22.20 -0.75
N PRO A 281 -14.23 22.75 -1.70
CA PRO A 281 -13.66 23.21 -2.98
C PRO A 281 -12.80 24.48 -2.92
N GLY A 282 -12.87 25.19 -1.76
CA GLY A 282 -11.94 26.22 -1.48
C GLY A 282 -10.49 25.77 -1.56
N ILE A 283 -10.24 24.46 -1.35
CA ILE A 283 -8.90 23.96 -1.41
C ILE A 283 -8.19 24.35 -2.70
N PHE A 284 -8.95 24.47 -3.80
CA PHE A 284 -8.27 24.71 -5.13
C PHE A 284 -7.57 26.05 -5.21
N THR A 285 -8.10 27.08 -4.56
CA THR A 285 -7.42 28.37 -4.61
C THR A 285 -6.18 28.27 -3.80
N ARG A 286 -6.19 27.62 -2.65
CA ARG A 286 -5.05 27.39 -1.76
C ARG A 286 -3.96 26.61 -2.50
N LEU A 287 -4.31 25.50 -3.12
CA LEU A 287 -3.31 24.69 -3.80
C LEU A 287 -2.68 25.52 -4.94
N GLU A 288 -3.42 26.28 -5.69
CA GLU A 288 -2.82 27.07 -6.80
C GLU A 288 -1.90 28.10 -6.18
N ASP A 289 -2.28 28.79 -5.12
CA ASP A 289 -1.43 29.84 -4.55
C ASP A 289 -0.15 29.23 -4.04
N GLU A 290 -0.26 28.08 -3.35
CA GLU A 290 0.89 27.40 -2.77
C GLU A 290 1.87 26.87 -3.84
N LEU A 291 1.33 26.31 -4.88
CA LEU A 291 2.19 25.86 -6.00
C LEU A 291 2.91 27.03 -6.70
N LEU A 292 2.18 28.12 -6.93
CA LEU A 292 2.81 29.29 -7.50
C LEU A 292 3.90 29.85 -6.58
N GLU A 293 3.71 29.84 -5.27
CA GLU A 293 4.74 30.29 -4.33
C GLU A 293 6.01 29.44 -4.38
N ILE A 294 5.86 28.14 -4.42
CA ILE A 294 7.00 27.27 -4.52
C ILE A 294 7.71 27.50 -5.84
N MET A 295 6.98 27.64 -6.91
CA MET A 295 7.60 27.89 -8.22
C MET A 295 8.40 29.20 -8.19
N ALA A 296 7.81 30.22 -7.62
CA ALA A 296 8.44 31.54 -7.56
C ALA A 296 9.72 31.49 -6.78
N ARG A 297 9.71 30.79 -5.67
CA ARG A 297 10.85 30.65 -4.81
C ARG A 297 12.00 29.96 -5.57
N LYS A 298 11.66 29.00 -6.39
CA LYS A 298 12.61 28.21 -7.14
C LYS A 298 13.01 28.82 -8.48
N GLY A 299 12.32 29.85 -8.90
CA GLY A 299 12.58 30.44 -10.19
C GLY A 299 11.96 29.72 -11.37
N TYR A 300 10.96 28.87 -11.15
CA TYR A 300 10.25 28.20 -12.20
C TYR A 300 9.09 29.06 -12.70
N ARG A 301 9.02 29.24 -14.01
CA ARG A 301 7.94 29.98 -14.62
C ARG A 301 6.85 29.10 -15.23
N THR A 302 7.17 27.84 -15.49
CA THR A 302 6.26 26.91 -16.12
C THR A 302 6.31 25.56 -15.43
N LEU A 303 5.25 24.81 -15.60
CA LEU A 303 5.22 23.42 -15.15
C LEU A 303 6.19 22.54 -15.90
N GLU A 304 6.31 22.82 -17.19
CA GLU A 304 7.16 22.04 -18.06
C GLU A 304 8.61 22.08 -17.64
N GLU A 305 9.01 23.12 -16.99
CA GLU A 305 10.37 23.25 -16.53
C GLU A 305 10.82 22.15 -15.57
N PHE A 306 9.87 21.71 -14.76
CA PHE A 306 10.14 20.68 -13.78
C PHE A 306 9.35 19.35 -13.84
N ARG A 307 8.39 19.23 -14.73
CA ARG A 307 7.59 18.01 -14.78
C ARG A 307 8.51 16.86 -15.12
N GLY A 308 8.44 15.84 -14.29
CA GLY A 308 9.20 14.66 -14.54
C GLY A 308 10.67 14.81 -14.21
N ARG A 309 11.09 15.88 -13.65
CA ARG A 309 12.51 16.16 -13.47
C ARG A 309 13.03 15.83 -12.10
N VAL A 310 12.32 14.98 -11.38
CA VAL A 310 12.82 14.51 -10.07
C VAL A 310 14.25 13.97 -10.33
N LYS A 311 15.13 14.29 -9.43
CA LYS A 311 16.54 13.89 -9.50
C LYS A 311 16.77 12.59 -8.75
N THR A 312 17.55 11.71 -9.31
CA THR A 312 18.05 10.50 -8.66
C THR A 312 19.46 10.72 -8.14
N ILE A 313 19.92 9.84 -7.25
CA ILE A 313 21.25 10.07 -6.64
C ILE A 313 22.21 9.15 -7.38
N GLU A 314 23.34 9.77 -7.83
N GLU A 314 23.26 9.73 -7.98
CA GLU A 314 24.50 9.17 -8.60
CA GLU A 314 24.15 9.01 -8.83
C GLU A 314 24.19 8.53 -9.95
C GLU A 314 25.39 8.53 -8.07
N SER B 1 -4.69 -8.91 38.44
CA SER B 1 -3.33 -8.41 38.19
C SER B 1 -3.08 -8.57 36.65
N MET B 2 -2.91 -7.44 35.96
CA MET B 2 -2.74 -7.46 34.54
C MET B 2 -1.38 -8.05 34.18
N CYS B 3 -1.39 -8.66 33.01
CA CYS B 3 -0.32 -9.42 32.52
C CYS B 3 -0.13 -9.35 30.97
N LEU B 4 1.12 -9.14 30.50
CA LEU B 4 1.43 -9.16 29.04
C LEU B 4 1.99 -10.49 28.56
N LYS B 5 2.04 -11.49 29.43
CA LYS B 5 2.71 -12.75 29.19
C LYS B 5 1.97 -13.52 28.10
N LEU B 6 2.72 -14.23 27.29
CA LEU B 6 2.20 -15.16 26.26
C LEU B 6 2.94 -16.48 26.33
N ASN B 7 2.29 -17.53 25.92
N ASN B 7 2.29 -17.57 26.00
CA ASN B 7 2.91 -18.84 25.86
CA ASN B 7 2.96 -18.84 25.89
C ASN B 7 2.50 -19.40 24.55
C ASN B 7 2.50 -19.35 24.54
N LEU B 8 3.38 -19.40 23.61
CA LEU B 8 3.15 -19.92 22.28
C LEU B 8 4.36 -20.52 21.63
N LEU B 9 4.09 -21.40 20.66
CA LEU B 9 5.15 -22.08 19.96
C LEU B 9 6.09 -22.78 20.97
N ASP B 10 5.54 -23.27 22.09
N ASP B 10 5.47 -23.28 22.06
CA ASP B 10 6.42 -23.97 23.06
CA ASP B 10 6.24 -23.94 23.12
C ASP B 10 7.40 -23.09 23.83
C ASP B 10 7.42 -23.12 23.67
N HIS B 11 7.16 -21.78 23.75
CA HIS B 11 8.00 -20.81 24.45
C HIS B 11 7.18 -19.88 25.29
N VAL B 12 7.80 -19.18 26.22
CA VAL B 12 7.18 -18.22 27.11
C VAL B 12 7.84 -16.91 26.80
N PHE B 13 6.96 -15.91 26.65
CA PHE B 13 7.31 -14.55 26.30
C PHE B 13 6.81 -13.64 27.41
N ALA B 14 7.66 -12.73 27.87
CA ALA B 14 7.23 -11.75 28.90
C ALA B 14 6.18 -10.77 28.47
N ASN B 15 6.22 -10.49 27.18
CA ASN B 15 5.31 -9.53 26.57
C ASN B 15 5.35 -9.80 25.05
N PRO B 16 4.47 -9.19 24.30
CA PRO B 16 4.32 -9.52 22.87
C PRO B 16 5.31 -8.81 21.98
N PHE B 17 6.12 -7.94 22.50
CA PHE B 17 6.91 -7.01 21.64
C PHE B 17 8.21 -7.61 21.26
N MET B 18 8.61 -7.36 20.02
CA MET B 18 9.94 -7.74 19.50
C MET B 18 10.33 -6.76 18.38
N ASN B 19 11.59 -6.78 17.98
CA ASN B 19 11.96 -6.01 16.79
C ASN B 19 11.36 -6.63 15.59
N ALA B 20 11.18 -5.85 14.55
CA ALA B 20 10.95 -6.35 13.21
C ALA B 20 12.26 -6.77 12.54
N ALA B 21 12.28 -7.84 11.75
CA ALA B 21 13.50 -8.28 11.19
C ALA B 21 14.10 -7.13 10.41
N GLY B 22 15.43 -7.02 10.47
CA GLY B 22 16.20 -6.02 9.86
C GLY B 22 16.53 -4.85 10.74
N VAL B 23 15.77 -4.60 11.77
CA VAL B 23 16.02 -3.45 12.61
C VAL B 23 16.68 -3.96 13.91
N LEU B 24 17.84 -3.36 14.22
CA LEU B 24 18.61 -3.62 15.41
C LEU B 24 18.92 -5.10 15.63
N CYS B 25 19.44 -5.70 14.59
CA CYS B 25 19.60 -7.13 14.63
C CYS B 25 20.60 -7.73 13.65
N SER B 26 21.50 -6.94 13.15
CA SER B 26 22.45 -7.39 12.09
C SER B 26 23.76 -7.94 12.63
N THR B 27 24.21 -7.28 13.65
CA THR B 27 25.50 -7.61 14.29
C THR B 27 25.32 -8.25 15.67
N GLU B 28 26.41 -8.81 16.20
CA GLU B 28 26.38 -9.38 17.52
C GLU B 28 26.03 -8.25 18.51
N GLU B 29 26.61 -7.05 18.32
CA GLU B 29 26.29 -5.92 19.20
C GLU B 29 24.77 -5.66 19.19
N ASP B 30 24.18 -5.64 18.00
CA ASP B 30 22.76 -5.42 17.86
C ASP B 30 21.95 -6.43 18.62
N LEU B 31 22.25 -7.70 18.38
CA LEU B 31 21.55 -8.83 19.02
C LEU B 31 21.66 -8.78 20.51
N ARG B 32 22.85 -8.48 21.03
N ARG B 32 22.86 -8.49 21.02
CA ARG B 32 23.02 -8.33 22.49
CA ARG B 32 23.06 -8.32 22.48
C ARG B 32 22.22 -7.13 23.00
C ARG B 32 22.21 -7.15 22.98
N CYS B 33 22.11 -6.07 22.24
CA CYS B 33 21.31 -4.98 22.64
C CYS B 33 19.84 -5.28 22.71
N MET B 34 19.32 -5.92 21.64
CA MET B 34 17.95 -6.38 21.64
C MET B 34 17.71 -7.31 22.79
N THR B 35 18.65 -8.22 23.12
CA THR B 35 18.50 -9.17 24.24
C THR B 35 18.38 -8.40 25.52
N ALA B 36 19.24 -7.38 25.72
CA ALA B 36 19.26 -6.58 26.96
C ALA B 36 18.00 -5.73 27.14
N SER B 37 17.29 -5.45 26.07
CA SER B 37 16.11 -4.62 26.09
C SER B 37 14.96 -5.31 26.84
N SER B 38 13.84 -4.60 27.01
N SER B 38 13.85 -4.58 27.02
CA SER B 38 12.65 -5.12 27.62
CA SER B 38 12.67 -5.14 27.63
C SER B 38 11.83 -5.94 26.68
C SER B 38 11.77 -5.84 26.66
N SER B 39 12.17 -6.02 25.39
CA SER B 39 11.34 -6.80 24.47
C SER B 39 11.09 -8.19 24.95
N GLY B 40 9.96 -8.76 24.53
CA GLY B 40 9.65 -10.13 24.82
C GLY B 40 10.36 -11.19 23.98
N ALA B 41 10.88 -10.79 22.81
CA ALA B 41 11.67 -11.67 21.95
C ALA B 41 12.52 -10.80 21.03
N LEU B 42 13.32 -11.44 20.17
CA LEU B 42 14.06 -10.75 19.09
C LEU B 42 14.10 -11.66 17.91
N VAL B 43 14.34 -11.02 16.78
CA VAL B 43 14.57 -11.74 15.46
C VAL B 43 15.79 -11.16 14.84
N SER B 44 16.62 -12.03 14.25
CA SER B 44 17.83 -11.60 13.55
C SER B 44 17.53 -11.05 12.18
N LYS B 45 18.47 -10.30 11.64
CA LYS B 45 18.44 -9.81 10.29
C LYS B 45 18.27 -10.95 9.27
N SER B 46 17.40 -10.79 8.31
CA SER B 46 17.30 -11.81 7.24
C SER B 46 18.66 -12.06 6.62
N CYS B 47 19.00 -13.38 6.59
CA CYS B 47 20.30 -13.79 6.09
C CYS B 47 20.26 -14.60 4.79
N THR B 48 21.47 -14.56 4.21
CA THR B 48 21.80 -15.32 3.01
C THR B 48 22.94 -16.19 3.35
N SER B 49 23.21 -17.12 2.43
N SER B 49 23.28 -17.20 2.54
CA SER B 49 24.23 -18.09 2.71
CA SER B 49 24.39 -18.12 2.97
C SER B 49 25.59 -17.47 2.91
C SER B 49 25.75 -17.35 3.00
N ALA B 50 25.89 -16.49 2.03
CA ALA B 50 27.11 -15.69 2.04
C ALA B 50 26.88 -14.27 2.59
N PRO B 51 27.86 -13.71 3.29
CA PRO B 51 27.74 -12.30 3.70
C PRO B 51 27.46 -11.44 2.54
N ARG B 52 26.69 -10.35 2.80
CA ARG B 52 26.40 -9.32 1.78
C ARG B 52 26.64 -7.92 2.33
N ASP B 53 27.21 -7.03 1.52
CA ASP B 53 27.34 -5.64 1.86
C ASP B 53 26.06 -4.84 1.70
N GLY B 54 25.15 -5.33 0.89
CA GLY B 54 23.93 -4.58 0.58
C GLY B 54 24.21 -3.48 -0.37
N ASN B 55 23.22 -2.61 -0.53
CA ASN B 55 23.19 -1.59 -1.56
C ASN B 55 23.96 -0.37 -1.11
N PRO B 56 24.33 0.52 -2.09
CA PRO B 56 24.97 1.73 -1.74
C PRO B 56 24.12 2.68 -0.87
N GLU B 57 24.76 3.49 -0.07
CA GLU B 57 24.11 4.49 0.78
C GLU B 57 23.88 5.79 0.03
N PRO B 58 22.88 6.58 0.36
CA PRO B 58 21.88 6.32 1.38
C PRO B 58 20.84 5.34 0.95
N ARG B 59 20.49 4.44 1.90
CA ARG B 59 19.60 3.32 1.58
C ARG B 59 18.44 3.17 2.59
N TYR B 60 18.43 4.00 3.60
CA TYR B 60 17.32 4.14 4.60
C TYR B 60 17.14 5.55 4.92
N MET B 61 15.91 6.04 4.94
CA MET B 61 15.62 7.36 5.43
C MET B 61 14.27 7.38 6.17
N ALA B 62 14.20 8.13 7.24
CA ALA B 62 12.98 8.29 7.99
C ALA B 62 12.49 9.69 8.08
N PHE B 63 11.19 9.82 8.27
CA PHE B 63 10.44 11.11 8.23
C PHE B 63 9.32 10.96 9.23
N PRO B 64 8.60 12.07 9.50
CA PRO B 64 7.57 12.00 10.51
C PRO B 64 6.56 10.90 10.33
N LEU B 65 6.19 10.58 9.07
CA LEU B 65 5.18 9.54 8.81
C LEU B 65 5.71 8.15 8.59
N GLY B 66 7.02 7.98 8.55
CA GLY B 66 7.58 6.65 8.41
C GLY B 66 8.87 6.60 7.71
N SER B 67 9.23 5.50 7.11
CA SER B 67 10.56 5.28 6.53
C SER B 67 10.42 4.66 5.14
N ILE B 68 11.52 4.78 4.39
CA ILE B 68 11.75 4.13 3.15
C ILE B 68 13.09 3.48 3.15
N ASN B 69 13.18 2.27 2.59
CA ASN B 69 14.46 1.58 2.51
C ASN B 69 14.63 0.75 1.28
N SER B 70 15.86 0.69 0.84
N SER B 70 15.86 0.69 0.82
CA SER B 70 16.28 -0.36 -0.07
CA SER B 70 16.28 -0.37 -0.09
C SER B 70 17.64 -0.87 0.35
C SER B 70 17.64 -0.88 0.35
N MET B 71 17.64 -1.59 1.46
CA MET B 71 18.89 -1.95 2.06
C MET B 71 19.69 -2.92 1.20
N GLY B 72 19.04 -3.81 0.49
CA GLY B 72 19.74 -4.79 -0.33
C GLY B 72 20.22 -5.98 0.43
N LEU B 73 19.55 -6.35 1.46
CA LEU B 73 19.85 -7.53 2.23
C LEU B 73 21.29 -7.55 2.76
N PRO B 74 21.81 -6.48 3.31
CA PRO B 74 23.13 -6.51 3.98
C PRO B 74 23.04 -7.43 5.18
N ASN B 75 24.00 -8.39 5.34
CA ASN B 75 23.94 -9.29 6.50
C ASN B 75 25.29 -10.01 6.63
N LEU B 76 25.54 -10.56 7.79
CA LEU B 76 26.82 -11.20 8.10
C LEU B 76 26.98 -12.64 7.59
N GLY B 77 25.92 -13.15 7.01
CA GLY B 77 25.89 -14.49 6.47
C GLY B 77 25.32 -15.47 7.46
N PHE B 78 24.79 -16.56 6.92
CA PHE B 78 24.10 -17.54 7.72
C PHE B 78 24.95 -18.13 8.83
N ASP B 79 26.21 -18.43 8.57
CA ASP B 79 27.00 -19.05 9.57
C ASP B 79 27.09 -18.17 10.82
N PHE B 80 27.18 -16.87 10.66
CA PHE B 80 27.19 -15.98 11.82
C PHE B 80 25.89 -16.07 12.69
N TYR B 81 24.74 -15.98 12.03
CA TYR B 81 23.46 -16.06 12.75
C TYR B 81 23.24 -17.44 13.37
N LEU B 82 23.67 -18.47 12.65
CA LEU B 82 23.59 -19.81 13.22
C LEU B 82 24.44 -19.98 14.46
N LYS B 83 25.65 -19.43 14.41
CA LYS B 83 26.55 -19.41 15.56
C LYS B 83 25.93 -18.64 16.74
N TYR B 84 25.35 -17.47 16.41
CA TYR B 84 24.70 -16.66 17.46
C TYR B 84 23.64 -17.57 18.12
N ALA B 85 22.79 -18.17 17.31
CA ALA B 85 21.74 -19.09 17.84
C ALA B 85 22.26 -20.28 18.67
N SER B 86 23.33 -20.89 18.16
N SER B 86 23.31 -20.90 18.16
CA SER B 86 23.90 -22.08 18.76
CA SER B 86 23.81 -22.12 18.73
C SER B 86 24.68 -21.82 20.00
C SER B 86 24.70 -21.86 19.93
N ASP B 87 25.45 -20.74 20.03
CA ASP B 87 26.53 -20.58 20.98
C ASP B 87 26.45 -19.33 21.80
N LEU B 88 25.89 -18.25 21.26
CA LEU B 88 25.97 -16.94 21.91
C LEU B 88 24.70 -16.45 22.60
N HIS B 89 23.54 -16.75 22.07
CA HIS B 89 22.32 -16.20 22.58
C HIS B 89 22.01 -16.76 23.95
N ASP B 90 21.55 -15.90 24.83
CA ASP B 90 21.13 -16.29 26.16
C ASP B 90 19.61 -16.48 26.15
N TYR B 91 19.21 -17.72 26.02
CA TYR B 91 17.85 -18.11 25.90
C TYR B 91 17.13 -17.92 27.24
N SER B 92 17.87 -17.77 28.30
CA SER B 92 17.26 -17.49 29.61
C SER B 92 16.63 -16.09 29.62
N LYS B 93 17.07 -15.24 28.76
CA LYS B 93 16.55 -13.93 28.70
C LYS B 93 15.25 -13.83 27.91
N LYS B 94 15.20 -14.35 26.69
CA LYS B 94 14.02 -14.35 25.87
C LYS B 94 14.23 -15.25 24.66
N PRO B 95 13.17 -15.58 23.96
CA PRO B 95 13.30 -16.39 22.72
C PRO B 95 13.88 -15.67 21.58
N LEU B 96 14.56 -16.38 20.71
CA LEU B 96 15.21 -15.88 19.50
C LEU B 96 14.50 -16.46 18.31
N PHE B 97 14.16 -15.66 17.34
CA PHE B 97 13.82 -16.03 15.98
C PHE B 97 15.01 -15.68 15.05
N LEU B 98 15.23 -16.56 14.06
CA LEU B 98 16.16 -16.40 13.02
C LEU B 98 15.46 -16.22 11.72
N SER B 99 15.68 -15.11 11.02
CA SER B 99 15.06 -14.86 9.72
C SER B 99 16.01 -15.26 8.61
N ILE B 100 15.46 -15.99 7.68
CA ILE B 100 16.21 -16.34 6.50
C ILE B 100 15.62 -15.84 5.23
N SER B 101 16.44 -15.38 4.27
CA SER B 101 15.94 -14.84 3.00
C SER B 101 16.91 -15.20 1.94
N GLY B 102 17.02 -16.49 1.64
CA GLY B 102 17.87 -16.98 0.54
C GLY B 102 17.31 -16.47 -0.78
N LEU B 103 18.22 -16.38 -1.73
CA LEU B 103 17.95 -15.85 -3.07
C LEU B 103 17.44 -16.86 -4.13
N SER B 104 17.37 -18.10 -3.69
CA SER B 104 16.77 -19.18 -4.42
C SER B 104 16.21 -20.17 -3.44
N VAL B 105 15.38 -21.07 -3.91
CA VAL B 105 14.86 -22.10 -3.08
C VAL B 105 15.98 -23.00 -2.55
N GLU B 106 16.95 -23.29 -3.40
CA GLU B 106 18.05 -24.13 -2.99
C GLU B 106 18.88 -23.53 -1.82
N GLU B 107 19.11 -22.23 -1.85
CA GLU B 107 19.78 -21.52 -0.77
C GLU B 107 19.01 -21.58 0.58
N ASN B 108 17.71 -21.40 0.50
CA ASN B 108 16.87 -21.55 1.66
C ASN B 108 16.87 -22.98 2.22
N VAL B 109 16.81 -23.96 1.29
CA VAL B 109 16.86 -25.35 1.72
C VAL B 109 18.17 -25.69 2.45
N ALA B 110 19.26 -25.20 1.92
CA ALA B 110 20.53 -25.46 2.51
C ALA B 110 20.64 -24.88 3.90
N MET B 111 20.13 -23.67 4.03
CA MET B 111 20.13 -23.01 5.34
C MET B 111 19.25 -23.73 6.38
N VAL B 112 18.05 -24.14 5.97
CA VAL B 112 17.16 -24.72 6.96
C VAL B 112 17.55 -26.17 7.32
N ARG B 113 18.28 -26.81 6.44
N ARG B 113 18.28 -26.82 6.45
CA ARG B 113 18.83 -28.11 6.77
CA ARG B 113 18.82 -28.12 6.78
C ARG B 113 19.82 -28.03 7.89
C ARG B 113 19.81 -28.02 7.90
N ARG B 114 20.64 -27.01 7.92
CA ARG B 114 21.64 -26.74 8.91
C ARG B 114 21.10 -26.06 10.18
N LEU B 115 19.99 -25.35 10.01
CA LEU B 115 19.33 -24.77 11.19
C LEU B 115 18.59 -25.77 12.05
N ALA B 116 17.97 -26.77 11.39
CA ALA B 116 17.14 -27.75 12.08
C ALA B 116 17.70 -28.31 13.35
N PRO B 117 18.95 -28.83 13.36
CA PRO B 117 19.41 -29.40 14.66
C PRO B 117 19.56 -28.38 15.77
N VAL B 118 19.90 -27.13 15.41
CA VAL B 118 20.04 -26.07 16.39
C VAL B 118 18.64 -25.63 16.88
N ALA B 119 17.69 -25.56 15.99
CA ALA B 119 16.28 -25.36 16.37
C ALA B 119 15.82 -26.42 17.36
N GLN B 120 16.15 -27.69 17.04
CA GLN B 120 15.73 -28.76 17.95
C GLN B 120 16.44 -28.70 19.29
N GLU B 121 17.73 -28.47 19.33
CA GLU B 121 18.46 -28.41 20.54
C GLU B 121 18.29 -27.18 21.41
N LYS B 122 18.29 -25.99 20.77
CA LYS B 122 18.29 -24.69 21.46
C LYS B 122 16.88 -24.03 21.45
N GLY B 123 16.03 -24.37 20.51
CA GLY B 123 14.67 -23.79 20.45
C GLY B 123 14.64 -22.47 19.67
N VAL B 124 15.68 -22.10 18.98
CA VAL B 124 15.54 -20.98 18.03
C VAL B 124 14.46 -21.20 17.05
N LEU B 125 13.64 -20.20 16.69
CA LEU B 125 12.50 -20.26 15.86
C LEU B 125 12.72 -19.68 14.48
N LEU B 126 12.37 -20.29 13.41
CA LEU B 126 12.63 -19.86 12.07
C LEU B 126 11.49 -18.93 11.59
N GLU B 127 11.85 -17.74 11.04
CA GLU B 127 10.96 -16.91 10.28
C GLU B 127 11.53 -16.87 8.86
N LEU B 128 10.80 -17.47 7.90
CA LEU B 128 11.17 -17.49 6.50
C LEU B 128 10.68 -16.31 5.77
N ASN B 129 11.51 -15.41 5.23
CA ASN B 129 11.10 -14.24 4.55
C ASN B 129 10.66 -14.54 3.14
N LEU B 130 9.40 -14.39 2.82
CA LEU B 130 8.89 -14.64 1.47
C LEU B 130 8.79 -13.41 0.59
N SER B 131 9.33 -12.29 1.04
CA SER B 131 9.59 -11.19 0.12
C SER B 131 10.99 -11.42 -0.48
N CYS B 132 11.72 -12.49 -0.49
N CYS B 132 11.88 -12.37 -0.45
CA CYS B 132 12.87 -12.69 -1.35
CA CYS B 132 12.96 -12.23 -1.42
C CYS B 132 12.54 -12.38 -2.95
C CYS B 132 12.58 -12.31 -2.95
N PRO B 133 13.34 -11.64 -3.83
CA PRO B 133 13.23 -11.96 -5.23
C PRO B 133 13.54 -13.42 -5.47
N ASN B 134 12.98 -13.95 -6.53
CA ASN B 134 13.54 -15.20 -7.05
C ASN B 134 14.16 -14.84 -8.42
N VAL B 135 13.46 -15.12 -9.50
CA VAL B 135 14.00 -14.74 -10.80
C VAL B 135 13.77 -13.27 -11.02
N PRO B 136 14.94 -12.56 -11.32
CA PRO B 136 14.69 -11.12 -11.61
C PRO B 136 13.79 -10.91 -12.86
N GLY B 137 12.90 -9.96 -12.72
CA GLY B 137 11.86 -9.67 -13.67
C GLY B 137 10.57 -10.39 -13.42
N LYS B 138 10.58 -11.23 -12.40
CA LYS B 138 9.42 -11.82 -11.87
C LYS B 138 9.19 -11.08 -10.50
N PRO B 139 7.87 -11.20 -10.09
CA PRO B 139 7.52 -10.54 -8.81
C PRO B 139 8.15 -11.24 -7.61
N GLN B 140 8.16 -10.59 -6.48
CA GLN B 140 8.73 -11.20 -5.29
C GLN B 140 7.97 -12.49 -5.02
N VAL B 141 8.59 -13.41 -4.30
CA VAL B 141 8.08 -14.75 -4.17
C VAL B 141 6.64 -14.83 -3.64
N ALA B 142 6.31 -14.02 -2.63
CA ALA B 142 4.98 -14.06 -2.08
C ALA B 142 3.88 -13.46 -3.00
N TYR B 143 4.28 -12.75 -4.03
CA TYR B 143 3.39 -12.23 -5.04
C TYR B 143 3.30 -13.18 -6.25
N ASP B 144 3.97 -14.30 -6.17
CA ASP B 144 3.91 -15.35 -7.20
C ASP B 144 3.51 -16.63 -6.52
N PHE B 145 2.25 -16.95 -6.54
CA PHE B 145 1.72 -18.03 -5.69
C PHE B 145 2.29 -19.38 -5.96
N GLU B 146 2.58 -19.68 -7.21
CA GLU B 146 3.28 -20.92 -7.51
C GLU B 146 4.69 -21.04 -6.92
N ALA B 147 5.46 -19.96 -7.00
CA ALA B 147 6.75 -19.93 -6.41
C ALA B 147 6.64 -20.04 -4.89
N MET B 148 5.67 -19.35 -4.33
CA MET B 148 5.50 -19.47 -2.92
C MET B 148 5.20 -20.92 -2.46
N ARG B 149 4.32 -21.58 -3.16
CA ARG B 149 4.03 -22.96 -2.86
C ARG B 149 5.27 -23.85 -2.98
N THR B 150 6.07 -23.63 -4.00
CA THR B 150 7.30 -24.39 -4.13
C THR B 150 8.29 -24.15 -2.99
N TYR B 151 8.46 -22.89 -2.57
CA TYR B 151 9.37 -22.61 -1.49
C TYR B 151 8.91 -23.29 -0.24
N LEU B 152 7.63 -23.24 0.06
CA LEU B 152 7.05 -23.87 1.26
C LEU B 152 7.08 -25.39 1.28
N GLN B 153 6.92 -25.95 0.10
CA GLN B 153 7.03 -27.43 0.02
C GLN B 153 8.46 -27.89 0.30
N GLN B 154 9.39 -27.16 -0.29
N GLN B 154 9.42 -27.16 -0.28
CA GLN B 154 10.78 -27.54 -0.18
CA GLN B 154 10.84 -27.56 -0.19
C GLN B 154 11.29 -27.28 1.25
C GLN B 154 11.45 -27.20 1.20
N VAL B 155 10.98 -26.09 1.81
CA VAL B 155 11.46 -25.80 3.10
C VAL B 155 10.83 -26.71 4.16
N SER B 156 9.54 -26.97 4.03
CA SER B 156 8.87 -27.91 4.95
C SER B 156 9.55 -29.28 4.97
N LEU B 157 9.86 -29.77 3.80
CA LEU B 157 10.49 -31.08 3.71
C LEU B 157 11.90 -31.07 4.27
N ALA B 158 12.66 -30.02 3.98
CA ALA B 158 14.02 -29.92 4.48
C ALA B 158 14.17 -29.63 5.92
N TYR B 159 13.22 -28.84 6.45
CA TYR B 159 13.35 -28.41 7.82
C TYR B 159 12.64 -29.34 8.82
N GLY B 160 11.41 -29.72 8.54
CA GLY B 160 10.74 -30.74 9.33
C GLY B 160 10.26 -30.33 10.69
N LEU B 161 10.25 -29.02 11.03
CA LEU B 161 9.92 -28.51 12.36
C LEU B 161 9.00 -27.27 12.13
N PRO B 162 8.23 -26.96 13.14
CA PRO B 162 7.39 -25.72 13.04
C PRO B 162 8.25 -24.47 12.67
N PHE B 163 7.67 -23.67 11.81
CA PHE B 163 8.30 -22.43 11.43
C PHE B 163 7.22 -21.41 11.13
N GLY B 164 7.68 -20.17 10.78
CA GLY B 164 6.75 -19.13 10.35
C GLY B 164 7.26 -18.48 9.11
N VAL B 165 6.37 -17.63 8.61
CA VAL B 165 6.62 -16.93 7.36
C VAL B 165 6.39 -15.42 7.46
N LYS B 166 7.25 -14.64 6.92
CA LYS B 166 7.05 -13.19 6.85
C LYS B 166 6.48 -12.85 5.50
N MET B 167 5.32 -12.22 5.49
CA MET B 167 4.54 -11.89 4.27
C MET B 167 4.59 -10.45 3.90
N PRO B 168 4.57 -10.15 2.58
CA PRO B 168 4.37 -8.81 2.17
C PRO B 168 2.88 -8.49 2.36
N PRO B 169 2.48 -7.24 2.33
CA PRO B 169 1.06 -6.85 2.32
C PRO B 169 0.44 -7.25 1.00
N TYR B 170 -0.83 -7.57 1.08
CA TYR B 170 -1.74 -7.68 -0.08
C TYR B 170 -2.86 -6.67 0.02
N PHE B 171 -3.45 -6.34 -1.13
CA PHE B 171 -4.38 -5.24 -1.31
C PHE B 171 -5.69 -5.62 -2.03
N ASP B 172 -5.85 -6.89 -2.31
CA ASP B 172 -6.97 -7.41 -3.09
C ASP B 172 -7.48 -8.60 -2.30
N ILE B 173 -8.77 -8.69 -2.12
CA ILE B 173 -9.39 -9.78 -1.35
C ILE B 173 -9.08 -11.14 -1.98
N ALA B 174 -9.05 -11.18 -3.29
CA ALA B 174 -8.71 -12.42 -3.97
C ALA B 174 -7.30 -12.93 -3.60
N HIS B 175 -6.36 -12.00 -3.46
CA HIS B 175 -5.01 -12.33 -3.00
C HIS B 175 -4.96 -12.82 -1.55
N PHE B 176 -5.75 -12.22 -0.65
CA PHE B 176 -5.82 -12.72 0.73
C PHE B 176 -6.30 -14.13 0.63
N ASP B 177 -7.34 -14.38 -0.20
CA ASP B 177 -7.88 -15.74 -0.22
C ASP B 177 -6.89 -16.74 -0.81
N THR B 178 -6.23 -16.41 -1.90
CA THR B 178 -5.27 -17.33 -2.49
C THR B 178 -4.08 -17.56 -1.56
N ALA B 179 -3.49 -16.46 -1.04
CA ALA B 179 -2.32 -16.53 -0.22
C ALA B 179 -2.60 -17.40 1.02
N ALA B 180 -3.72 -17.16 1.73
CA ALA B 180 -4.02 -17.98 2.90
C ALA B 180 -4.24 -19.41 2.58
N ALA B 181 -4.88 -19.66 1.48
CA ALA B 181 -5.05 -21.07 1.01
C ALA B 181 -3.69 -21.76 0.82
N VAL B 182 -2.74 -21.08 0.20
CA VAL B 182 -1.39 -21.62 0.02
C VAL B 182 -0.81 -21.97 1.38
N LEU B 183 -0.84 -20.99 2.32
CA LEU B 183 -0.32 -21.24 3.64
C LEU B 183 -0.94 -22.35 4.36
N ASN B 184 -2.26 -22.49 4.22
CA ASN B 184 -2.96 -23.52 4.90
C ASN B 184 -2.69 -24.99 4.29
N GLU B 185 -2.01 -25.00 3.21
CA GLU B 185 -1.51 -26.34 2.67
C GLU B 185 -0.38 -26.87 3.54
N PHE B 186 0.27 -26.05 4.44
CA PHE B 186 1.55 -26.39 5.13
C PHE B 186 1.34 -26.40 6.55
N PRO B 187 1.14 -27.53 7.16
CA PRO B 187 0.94 -27.64 8.56
C PRO B 187 2.09 -27.20 9.50
N LEU B 188 3.32 -27.23 8.98
CA LEU B 188 4.49 -26.82 9.75
C LEU B 188 4.54 -25.27 9.79
N VAL B 189 3.78 -24.54 8.99
CA VAL B 189 3.73 -23.04 9.05
C VAL B 189 2.84 -22.73 10.25
N LYS B 190 3.45 -22.48 11.39
CA LYS B 190 2.72 -22.25 12.60
C LYS B 190 2.42 -20.74 12.90
N PHE B 191 3.18 -19.85 12.32
CA PHE B 191 2.89 -18.42 12.46
C PHE B 191 3.10 -17.75 11.13
N VAL B 192 2.38 -16.62 10.97
CA VAL B 192 2.38 -15.79 9.74
C VAL B 192 2.61 -14.34 10.23
N THR B 193 3.67 -13.71 9.83
CA THR B 193 3.99 -12.33 10.24
C THR B 193 3.59 -11.46 9.14
N CYS B 194 2.61 -10.61 9.44
CA CYS B 194 2.01 -9.60 8.54
C CYS B 194 2.25 -8.21 9.10
N VAL B 195 3.07 -7.34 8.48
CA VAL B 195 3.54 -7.36 7.09
C VAL B 195 4.99 -6.86 7.04
N ASN B 196 5.62 -7.24 5.94
CA ASN B 196 6.78 -6.60 5.39
C ASN B 196 6.40 -5.21 4.90
N SER B 197 7.43 -4.51 4.48
CA SER B 197 7.26 -3.14 4.02
C SER B 197 6.32 -3.06 2.81
N VAL B 198 5.63 -1.94 2.67
CA VAL B 198 4.79 -1.74 1.49
C VAL B 198 5.75 -1.36 0.30
N GLY B 199 5.74 -2.23 -0.68
CA GLY B 199 6.78 -2.19 -1.71
C GLY B 199 6.81 -0.98 -2.61
N ASN B 200 8.05 -0.60 -2.93
CA ASN B 200 8.27 0.31 -4.07
C ASN B 200 7.48 1.58 -3.90
N GLY B 201 7.49 2.21 -2.77
CA GLY B 201 7.13 3.61 -2.65
C GLY B 201 8.23 4.52 -3.13
N LEU B 202 7.95 5.81 -3.20
CA LEU B 202 8.93 6.77 -3.64
C LEU B 202 8.77 8.05 -2.84
N VAL B 203 9.77 8.35 -2.02
CA VAL B 203 9.79 9.64 -1.28
C VAL B 203 10.59 10.68 -2.04
N ILE B 204 10.07 11.85 -2.17
CA ILE B 204 10.76 12.93 -2.84
C ILE B 204 10.85 14.14 -1.89
N ASP B 205 12.04 14.66 -1.85
CA ASP B 205 12.30 15.88 -1.12
C ASP B 205 12.03 17.11 -2.01
N ALA B 206 11.13 17.96 -1.55
CA ALA B 206 10.70 19.13 -2.30
C ALA B 206 11.79 20.23 -2.40
N GLU B 207 12.59 20.46 -1.43
N GLU B 207 12.60 20.46 -1.42
CA GLU B 207 13.61 21.47 -1.57
CA GLU B 207 13.63 21.48 -1.57
C GLU B 207 14.72 21.08 -2.57
C GLU B 207 14.72 21.09 -2.57
N SER B 208 15.17 19.85 -2.47
CA SER B 208 16.26 19.45 -3.35
C SER B 208 15.79 18.82 -4.64
N GLU B 209 14.50 18.56 -4.73
CA GLU B 209 13.89 17.98 -5.93
C GLU B 209 14.40 16.60 -6.29
N SER B 210 14.77 15.89 -5.23
N SER B 210 14.83 15.90 -5.25
CA SER B 210 15.51 14.65 -5.34
CA SER B 210 15.44 14.60 -5.42
C SER B 210 14.81 13.54 -4.55
C SER B 210 14.78 13.54 -4.57
N VAL B 211 14.89 12.32 -5.08
CA VAL B 211 14.65 11.15 -4.25
C VAL B 211 15.61 11.13 -3.10
N VAL B 212 15.32 10.34 -2.09
CA VAL B 212 16.07 10.37 -0.80
C VAL B 212 16.92 9.13 -0.56
N ILE B 213 16.74 8.06 -1.33
CA ILE B 213 17.62 6.93 -1.29
C ILE B 213 18.25 6.77 -2.65
N LYS B 214 19.44 6.12 -2.66
CA LYS B 214 20.19 5.95 -3.88
C LYS B 214 19.77 4.75 -4.73
N PRO B 215 19.56 3.54 -4.14
CA PRO B 215 19.23 2.45 -5.02
C PRO B 215 17.90 2.61 -5.75
N LYS B 216 17.72 1.91 -6.84
N LYS B 216 17.72 1.91 -6.84
CA LYS B 216 16.45 1.75 -7.52
CA LYS B 216 16.45 1.76 -7.53
C LYS B 216 15.80 3.09 -7.79
C LYS B 216 15.80 3.09 -7.79
N GLN B 217 16.63 4.06 -8.20
CA GLN B 217 16.11 5.35 -8.58
C GLN B 217 15.15 5.94 -7.51
N GLY B 218 15.45 5.59 -6.29
CA GLY B 218 14.71 6.12 -5.13
C GLY B 218 13.54 5.29 -4.63
N PHE B 219 13.18 4.23 -5.31
CA PHE B 219 12.08 3.33 -4.98
C PHE B 219 12.50 2.46 -3.80
N GLY B 220 11.62 2.24 -2.85
CA GLY B 220 11.92 1.41 -1.71
C GLY B 220 10.73 1.08 -0.89
N GLY B 221 10.95 0.18 0.07
CA GLY B 221 9.82 -0.30 0.87
C GLY B 221 9.50 0.70 1.99
N LEU B 222 8.17 0.90 2.18
CA LEU B 222 7.67 1.83 3.19
C LEU B 222 7.30 1.16 4.50
N GLY B 223 7.67 1.78 5.58
CA GLY B 223 7.26 1.44 6.91
C GLY B 223 6.72 2.59 7.68
N GLY B 224 6.21 2.34 8.86
CA GLY B 224 5.80 3.36 9.75
C GLY B 224 4.35 3.79 9.65
N LYS B 225 4.09 5.04 10.00
N LYS B 225 4.08 5.05 9.98
CA LYS B 225 2.69 5.50 10.07
CA LYS B 225 2.69 5.50 10.06
C LYS B 225 1.93 5.32 8.80
C LYS B 225 1.93 5.32 8.79
N TYR B 226 2.62 5.42 7.66
CA TYR B 226 1.99 5.17 6.36
C TYR B 226 1.21 3.91 6.29
N ILE B 227 1.70 2.86 6.93
CA ILE B 227 1.31 1.51 6.64
C ILE B 227 0.39 0.87 7.70
N LEU B 228 0.01 1.53 8.79
CA LEU B 228 -0.70 0.87 9.87
C LEU B 228 -2.02 0.30 9.39
N PRO B 229 -2.87 1.06 8.68
CA PRO B 229 -4.12 0.39 8.26
C PRO B 229 -3.96 -0.76 7.27
N THR B 230 -2.91 -0.72 6.46
CA THR B 230 -2.55 -1.83 5.60
C THR B 230 -2.15 -3.06 6.45
N ALA B 231 -1.30 -2.81 7.45
CA ALA B 231 -0.85 -3.89 8.33
C ALA B 231 -2.02 -4.52 9.04
N LEU B 232 -2.88 -3.71 9.68
CA LEU B 232 -4.01 -4.22 10.38
C LEU B 232 -4.88 -5.07 9.49
N ALA B 233 -5.14 -4.64 8.26
CA ALA B 233 -5.97 -5.40 7.35
C ALA B 233 -5.38 -6.76 7.09
N ASN B 234 -4.07 -6.81 6.90
CA ASN B 234 -3.42 -8.09 6.59
C ASN B 234 -3.41 -8.97 7.77
N VAL B 235 -3.13 -8.42 8.95
CA VAL B 235 -3.19 -9.22 10.19
C VAL B 235 -4.60 -9.81 10.27
N ASN B 236 -5.63 -8.99 10.15
CA ASN B 236 -7.01 -9.50 10.36
C ASN B 236 -7.39 -10.49 9.26
N ALA B 237 -6.99 -10.21 8.04
CA ALA B 237 -7.35 -11.09 6.92
C ALA B 237 -6.75 -12.47 7.12
N PHE B 238 -5.50 -12.60 7.52
CA PHE B 238 -4.91 -13.87 7.80
C PHE B 238 -5.38 -14.47 9.07
N TYR B 239 -5.71 -13.69 10.08
CA TYR B 239 -6.26 -14.20 11.32
C TYR B 239 -7.57 -14.92 11.03
N ARG B 240 -8.39 -14.32 10.21
CA ARG B 240 -9.70 -14.92 9.87
C ARG B 240 -9.46 -16.14 9.01
N ARG B 241 -8.53 -16.20 8.13
CA ARG B 241 -8.39 -17.25 7.07
C ARG B 241 -7.53 -18.41 7.56
N CYS B 242 -6.74 -18.22 8.60
CA CYS B 242 -5.81 -19.24 9.09
C CYS B 242 -6.05 -19.55 10.52
N PRO B 243 -7.19 -20.16 10.89
CA PRO B 243 -7.56 -20.33 12.26
C PRO B 243 -6.66 -21.35 13.01
N ASP B 244 -5.93 -22.14 12.31
CA ASP B 244 -4.96 -23.04 12.91
C ASP B 244 -3.55 -22.59 13.04
N LYS B 245 -3.33 -21.28 12.73
CA LYS B 245 -2.00 -20.64 12.82
C LYS B 245 -2.05 -19.43 13.72
N LEU B 246 -0.90 -18.99 14.23
CA LEU B 246 -0.75 -17.68 14.92
C LEU B 246 -0.49 -16.64 13.81
N VAL B 247 -0.87 -15.40 14.09
CA VAL B 247 -0.51 -14.26 13.27
C VAL B 247 0.29 -13.32 14.15
N PHE B 248 1.44 -12.89 13.66
CA PHE B 248 2.25 -11.87 14.30
C PHE B 248 2.01 -10.56 13.51
N GLY B 249 1.78 -9.47 14.22
CA GLY B 249 1.62 -8.20 13.58
C GLY B 249 2.84 -7.42 13.46
N CYS B 250 3.03 -6.74 12.31
CA CYS B 250 4.19 -5.83 12.07
C CYS B 250 3.67 -4.73 11.15
N GLY B 251 3.92 -3.49 11.50
CA GLY B 251 3.65 -2.37 10.69
C GLY B 251 3.00 -1.25 11.39
N GLY B 252 3.70 -0.11 11.42
CA GLY B 252 3.10 1.07 11.96
C GLY B 252 2.96 1.13 13.43
N VAL B 253 3.67 0.30 14.22
CA VAL B 253 3.59 0.38 15.67
C VAL B 253 4.52 1.46 16.19
N TYR B 254 3.92 2.51 16.79
CA TYR B 254 4.68 3.51 17.55
C TYR B 254 4.24 3.62 19.01
N SER B 255 3.12 3.03 19.38
CA SER B 255 2.54 3.24 20.70
C SER B 255 1.83 1.96 21.14
N GLY B 256 1.50 1.95 22.43
CA GLY B 256 0.71 0.88 23.01
C GLY B 256 -0.65 0.82 22.35
N GLU B 257 -1.21 1.93 21.98
CA GLU B 257 -2.47 1.92 21.27
C GLU B 257 -2.39 1.23 19.89
N ASP B 258 -1.34 1.49 19.15
CA ASP B 258 -1.11 0.84 17.85
C ASP B 258 -0.99 -0.71 18.06
N ALA B 259 -0.26 -1.07 19.10
CA ALA B 259 -0.15 -2.47 19.46
C ALA B 259 -1.48 -3.12 19.85
N PHE B 260 -2.27 -2.37 20.61
CA PHE B 260 -3.62 -2.81 20.95
C PHE B 260 -4.47 -3.03 19.74
N LEU B 261 -4.37 -2.13 18.76
CA LEU B 261 -5.09 -2.39 17.54
C LEU B 261 -4.65 -3.62 16.79
N HIS B 262 -3.33 -3.85 16.68
CA HIS B 262 -2.81 -5.10 16.11
C HIS B 262 -3.36 -6.31 16.77
N ILE B 263 -3.40 -6.28 18.11
CA ILE B 263 -3.83 -7.41 18.90
C ILE B 263 -5.33 -7.60 18.71
N LEU B 264 -6.14 -6.57 18.72
CA LEU B 264 -7.56 -6.68 18.40
C LEU B 264 -7.76 -7.28 17.03
N ALA B 265 -6.93 -6.98 16.05
CA ALA B 265 -6.99 -7.55 14.71
C ALA B 265 -6.61 -9.00 14.65
N GLY B 266 -5.92 -9.51 15.66
CA GLY B 266 -5.53 -10.92 15.76
C GLY B 266 -4.07 -11.21 16.09
N ALA B 267 -3.26 -10.19 16.22
CA ALA B 267 -1.83 -10.41 16.50
C ALA B 267 -1.56 -11.09 17.84
N SER B 268 -0.62 -12.03 17.77
CA SER B 268 0.00 -12.64 18.95
C SER B 268 1.25 -11.87 19.34
N MET B 269 2.34 -12.01 18.64
CA MET B 269 3.47 -11.09 18.81
C MET B 269 3.23 -9.84 17.97
N VAL B 270 3.84 -8.78 18.43
CA VAL B 270 3.79 -7.47 17.78
C VAL B 270 5.25 -7.01 17.56
N GLN B 271 5.58 -6.80 16.30
CA GLN B 271 6.96 -6.43 15.92
C GLN B 271 6.99 -4.92 15.60
N VAL B 272 8.15 -4.31 15.88
CA VAL B 272 8.38 -2.90 15.80
C VAL B 272 9.59 -2.65 14.93
N GLY B 273 9.42 -1.99 13.78
CA GLY B 273 10.47 -1.69 12.81
C GLY B 273 10.92 -0.25 12.91
N THR B 274 10.33 0.56 12.06
CA THR B 274 10.64 1.99 11.91
C THR B 274 10.72 2.69 13.25
N ALA B 275 9.71 2.51 14.07
CA ALA B 275 9.70 3.26 15.33
C ALA B 275 10.87 2.91 16.22
N LEU B 276 11.28 1.64 16.21
CA LEU B 276 12.45 1.20 16.95
C LEU B 276 13.71 1.71 16.34
N GLN B 277 13.81 1.71 15.03
CA GLN B 277 14.96 2.32 14.37
C GLN B 277 15.13 3.76 14.77
N GLU B 278 14.04 4.49 14.91
CA GLU B 278 14.08 5.92 15.19
C GLU B 278 14.26 6.21 16.65
N GLU B 279 13.59 5.47 17.54
CA GLU B 279 13.58 5.77 18.97
C GLU B 279 14.64 4.97 19.76
N GLY B 280 15.03 3.79 19.31
CA GLY B 280 15.90 2.93 19.99
C GLY B 280 15.17 2.01 20.96
N PRO B 281 15.91 1.11 21.61
CA PRO B 281 15.30 0.02 22.33
C PRO B 281 14.59 0.41 23.61
N GLY B 282 14.73 1.65 24.07
CA GLY B 282 13.91 2.17 25.13
C GLY B 282 12.46 2.13 24.78
N ILE B 283 12.12 2.07 23.49
CA ILE B 283 10.72 2.06 23.09
C ILE B 283 10.00 0.92 23.75
N PHE B 284 10.61 -0.21 24.02
CA PHE B 284 9.87 -1.35 24.54
C PHE B 284 9.32 -1.11 25.91
N THR B 285 9.97 -0.37 26.79
CA THR B 285 9.34 -0.12 28.09
C THR B 285 8.16 0.82 27.91
N ARG B 286 8.22 1.77 27.01
CA ARG B 286 7.10 2.65 26.77
C ARG B 286 5.92 1.93 26.18
N LEU B 287 6.15 1.08 25.20
CA LEU B 287 5.06 0.28 24.65
C LEU B 287 4.40 -0.62 25.69
N GLU B 288 5.17 -1.28 26.53
CA GLU B 288 4.57 -2.10 27.60
C GLU B 288 3.71 -1.26 28.56
N ASP B 289 4.23 -0.14 29.02
CA ASP B 289 3.49 0.72 29.94
C ASP B 289 2.19 1.25 29.28
N GLU B 290 2.30 1.67 28.03
CA GLU B 290 1.16 2.16 27.30
C GLU B 290 0.08 1.11 27.05
N LEU B 291 0.46 -0.08 26.69
CA LEU B 291 -0.49 -1.16 26.48
C LEU B 291 -1.19 -1.53 27.77
N LEU B 292 -0.43 -1.59 28.82
CA LEU B 292 -0.98 -1.88 30.13
C LEU B 292 -1.95 -0.81 30.58
N GLU B 293 -1.68 0.46 30.29
CA GLU B 293 -2.60 1.48 30.66
C GLU B 293 -3.95 1.39 29.95
N ILE B 294 -3.93 1.06 28.67
CA ILE B 294 -5.15 0.87 27.90
C ILE B 294 -5.94 -0.32 28.44
N MET B 295 -5.21 -1.38 28.72
CA MET B 295 -5.83 -2.55 29.32
C MET B 295 -6.43 -2.22 30.67
N ALA B 296 -5.73 -1.47 31.49
CA ALA B 296 -6.30 -1.09 32.78
C ALA B 296 -7.58 -0.30 32.65
N ARG B 297 -7.61 0.63 31.74
CA ARG B 297 -8.75 1.49 31.51
C ARG B 297 -9.96 0.68 31.07
N LYS B 298 -9.74 -0.35 30.28
CA LYS B 298 -10.79 -1.18 29.75
C LYS B 298 -11.15 -2.40 30.61
N GLY B 299 -10.41 -2.62 31.66
CA GLY B 299 -10.64 -3.79 32.49
C GLY B 299 -10.10 -5.10 31.97
N TYR B 300 -9.20 -5.08 31.00
CA TYR B 300 -8.64 -6.32 30.51
C TYR B 300 -7.38 -6.73 31.35
N ARG B 301 -7.35 -8.03 31.66
CA ARG B 301 -6.25 -8.52 32.45
C ARG B 301 -5.21 -9.28 31.65
N THR B 302 -5.54 -9.85 30.53
CA THR B 302 -4.63 -10.64 29.70
C THR B 302 -4.90 -10.26 28.24
N LEU B 303 -3.92 -10.58 27.39
CA LEU B 303 -4.02 -10.35 25.94
C LEU B 303 -5.10 -11.15 25.28
N GLU B 304 -5.43 -12.34 25.84
N GLU B 304 -5.22 -12.43 25.70
CA GLU B 304 -6.40 -13.24 25.26
CA GLU B 304 -6.12 -13.33 25.03
C GLU B 304 -7.82 -12.69 25.36
C GLU B 304 -7.58 -12.92 25.29
N GLU B 305 -8.06 -11.85 26.37
N GLU B 305 -7.85 -12.00 26.24
CA GLU B 305 -9.36 -11.24 26.54
CA GLU B 305 -9.20 -11.51 26.40
C GLU B 305 -9.72 -10.34 25.42
C GLU B 305 -9.66 -10.68 25.23
N PHE B 306 -8.77 -9.95 24.57
CA PHE B 306 -9.12 -9.09 23.42
C PHE B 306 -8.45 -9.44 22.11
N ARG B 307 -7.56 -10.43 22.02
CA ARG B 307 -6.93 -10.75 20.78
C ARG B 307 -7.94 -11.24 19.78
N GLY B 308 -7.99 -10.65 18.61
CA GLY B 308 -8.89 -11.04 17.58
C GLY B 308 -10.31 -10.56 17.77
N ARG B 309 -10.60 -9.74 18.77
N ARG B 309 -10.59 -9.74 18.77
CA ARG B 309 -11.97 -9.39 19.11
CA ARG B 309 -11.96 -9.40 19.13
C ARG B 309 -12.41 -8.05 18.52
C ARG B 309 -12.41 -8.04 18.54
N VAL B 310 -11.69 -7.56 17.53
CA VAL B 310 -12.19 -6.37 16.82
C VAL B 310 -13.67 -6.59 16.44
N LYS B 311 -14.46 -5.55 16.70
CA LYS B 311 -15.90 -5.56 16.36
C LYS B 311 -16.15 -5.08 14.99
N THR B 312 -17.06 -5.72 14.27
CA THR B 312 -17.57 -5.19 12.99
C THR B 312 -18.96 -4.53 13.21
N ILE B 313 -19.40 -3.73 12.24
CA ILE B 313 -20.66 -2.98 12.36
C ILE B 313 -21.76 -3.80 11.73
N GLU B 314 -22.76 -4.06 12.59
CA GLU B 314 -23.94 -4.96 12.31
C GLU B 314 -23.57 -6.42 12.51
OAB W88 C . -16.37 2.45 -3.55
CAT W88 C . -16.31 3.17 -4.58
OAF W88 C . -17.27 3.70 -5.15
CAX W88 C . -14.96 3.48 -5.07
NAQ W88 C . -14.01 3.77 -4.06
CAY W88 C . -12.70 4.02 -4.42
OAC W88 C . -11.88 4.31 -3.52
NAR W88 C . -12.31 3.81 -5.69
CAZ W88 C . -13.22 3.52 -6.74
OAD W88 C . -12.75 3.39 -7.88
CAW W88 C . -14.56 3.30 -6.37
CAP W88 C . -15.53 2.93 -7.48
CAN W88 C . -15.28 1.46 -7.95
CAM W88 C . -15.61 0.50 -6.92
CAO W88 C . -15.97 -0.96 -7.52
CAU W88 C . -16.88 -1.66 -6.68
CAK W88 C . -16.55 -1.75 -5.32
CBA W88 C . -17.35 -2.45 -4.39
CAJ W88 C . -16.96 -2.50 -3.01
CAH W88 C . -17.77 -3.19 -2.07
CAV W88 C . -18.97 -3.79 -2.52
CAS W88 C . -19.77 -4.49 -1.60
OAE W88 C . -20.85 -5.05 -1.96
OAA W88 C . -19.39 -4.60 -0.39
CAL W88 C . -19.34 -3.73 -3.91
CBB W88 C . -18.55 -3.04 -4.87
CAI W88 C . -18.89 -2.96 -6.27
CAG W88 C . -18.04 -2.28 -7.18
C1 GOL D . -18.98 26.27 -5.67
C1 GOL D . -18.88 27.08 -5.25
O1 GOL D . -20.26 26.19 -4.97
O1 GOL D . -19.88 26.00 -5.03
C2 GOL D . -17.91 26.82 -4.69
C2 GOL D . -17.45 26.65 -4.90
O2 GOL D . -18.29 28.01 -4.11
O2 GOL D . -16.99 25.81 -5.93
C3 GOL D . -16.52 27.05 -5.31
C3 GOL D . -16.34 27.68 -4.69
O3 GOL D . -15.44 27.21 -4.34
O3 GOL D . -14.98 27.13 -4.37
C1 GOL E . 12.88 1.16 -9.78
O1 GOL E . 14.03 0.28 -9.92
C2 GOL E . 12.48 1.60 -11.24
O2 GOL E . 12.22 0.46 -12.09
C3 GOL E . 11.17 2.41 -11.40
O3 GOL E . 11.18 2.89 -12.76
C1 GOL F . -11.67 -9.65 5.06
O1 GOL F . -11.57 -10.96 5.59
C2 GOL F . -12.77 -9.59 4.04
O2 GOL F . -12.32 -10.39 2.92
C3 GOL F . -13.14 -8.18 3.56
O3 GOL F . -14.30 -8.24 2.73
C1 GOL G . -11.23 0.35 -5.32
O1 GOL G . -12.22 0.76 -4.37
C2 GOL G . -9.79 0.15 -4.72
O2 GOL G . -9.66 0.39 -3.28
C3 GOL G . -8.65 0.92 -5.56
O3 GOL G . -7.31 0.44 -5.83
C1 GOL H . -7.86 5.90 13.57
O1 GOL H . -6.58 6.54 13.80
C2 GOL H . -8.99 6.34 14.54
O2 GOL H . -8.75 6.29 15.93
C3 GOL H . -10.29 5.53 14.46
O3 GOL H . -11.35 6.24 15.15
C1 GOL I . -13.56 -15.41 6.10
C1 GOL I . -12.40 -15.37 5.97
O1 GOL I . -12.91 -16.64 5.78
O1 GOL I . -12.17 -16.58 6.73
C2 GOL I . -13.58 -14.48 4.88
C2 GOL I . -13.15 -14.35 6.78
O2 GOL I . -14.26 -15.10 3.81
O2 GOL I . -13.82 -14.95 7.91
C3 GOL I . -14.34 -13.21 5.22
C3 GOL I . -14.13 -13.58 5.91
O3 GOL I . -13.49 -12.35 5.98
O3 GOL I . -13.96 -12.22 6.32
C1 GOL J . -6.74 23.28 5.98
O1 GOL J . -6.06 22.02 5.93
C2 GOL J . -6.02 24.26 5.02
O2 GOL J . -4.62 24.35 5.36
C3 GOL J . -6.56 25.67 5.07
O3 GOL J . -7.88 25.78 4.62
C1 GOL K . -19.09 11.35 2.67
O1 GOL K . -19.56 10.78 3.90
C2 GOL K . -19.48 10.54 1.51
O2 GOL K . -20.89 10.15 1.49
C3 GOL K . -19.15 11.30 0.23
O3 GOL K . -19.81 10.98 -1.02
C1 GOL L . -11.28 25.29 -20.62
O1 GOL L . -11.06 24.61 -21.76
C2 GOL L . -11.36 26.80 -20.89
O2 GOL L . -12.66 27.20 -21.22
C3 GOL L . -11.02 27.38 -19.56
O3 GOL L . -9.79 26.67 -19.23
C1 GOL M . 4.91 13.70 -23.63
O1 GOL M . 4.00 12.55 -23.75
C2 GOL M . 5.89 13.92 -24.82
O2 GOL M . 5.68 15.19 -25.46
C3 GOL M . 7.38 13.91 -24.42
O3 GOL M . 8.10 12.85 -25.09
C1 GOL N . 6.51 3.33 -25.84
O1 GOL N . 5.60 4.31 -26.38
C2 GOL N . 7.98 3.79 -25.61
O2 GOL N . 8.63 4.55 -26.69
C3 GOL N . 8.93 2.61 -25.40
O3 GOL N . 8.52 1.60 -24.52
C1 GOL O . 9.12 9.65 -20.48
O1 GOL O . 9.95 9.54 -19.33
C2 GOL O . 9.06 11.09 -21.11
O2 GOL O . 10.08 11.92 -20.62
C3 GOL O . 7.80 11.89 -20.76
O3 GOL O . 6.90 11.99 -21.84
C1 GOL P . -27.83 1.22 0.20
O1 GOL P . -27.39 -0.14 0.11
C2 GOL P . -27.50 1.79 1.58
O2 GOL P . -28.28 1.13 2.61
C3 GOL P . -27.72 3.31 1.69
O3 GOL P . -26.47 3.97 2.01
AS CAC Q . -21.79 13.99 -2.06
O1 CAC Q . -20.26 13.17 -2.59
O2 CAC Q . -22.93 13.89 -3.42
C1 CAC Q . -20.86 15.84 -1.99
C2 CAC Q . -22.74 13.26 -0.50
AS CAC R . 17.10 26.95 -10.70
O1 CAC R . 15.33 26.33 -10.82
O2 CAC R . 17.23 27.34 -8.94
C1 CAC R . 17.42 28.63 -11.76
C2 CAC R . 18.37 25.40 -10.84
N1 FMN S . -11.90 6.53 -7.74
C2 FMN S . -12.52 6.31 -8.95
O2 FMN S . -11.83 6.19 -9.95
N3 FMN S . -13.91 6.37 -9.04
C4 FMN S . -14.69 6.58 -8.03
O4 FMN S . -15.97 6.63 -8.18
C4A FMN S . -14.15 6.75 -6.73
N5 FMN S . -14.88 7.03 -5.69
C5A FMN S . -14.29 7.49 -4.54
C6 FMN S . -15.07 7.85 -3.45
C7 FMN S . -14.52 8.30 -2.27
C7M FMN S . -15.32 8.75 -1.07
C8 FMN S . -13.11 8.38 -2.18
C8M FMN S . -12.41 8.87 -0.90
C9 FMN S . -12.32 7.94 -3.22
C9A FMN S . -12.86 7.46 -4.41
N10 FMN S . -12.08 7.10 -5.50
C10 FMN S . -12.70 6.79 -6.72
C1' FMN S . -10.62 7.13 -5.44
C2' FMN S . -10.10 8.54 -5.58
O2' FMN S . -10.41 9.00 -6.91
C3' FMN S . -8.62 8.62 -5.44
O3' FMN S . -8.01 7.76 -6.42
C4' FMN S . -8.13 8.17 -4.05
O4' FMN S . -9.02 8.63 -2.99
C5' FMN S . -6.73 8.65 -3.72
O5' FMN S . -6.61 10.06 -3.78
P FMN S . -6.53 10.90 -2.37
O1P FMN S . -6.48 12.31 -2.83
O2P FMN S . -5.33 10.42 -1.63
O3P FMN S . -7.82 10.60 -1.62
C1 EDO T . 15.82 11.33 -13.44
O1 EDO T . 16.21 9.96 -13.82
C2 EDO T . 14.25 11.43 -13.22
O2 EDO T . 13.57 12.49 -13.79
C1 EDO U . -15.19 20.55 -30.20
O1 EDO U . -15.06 19.28 -29.55
C2 EDO U . -15.82 21.53 -29.22
O2 EDO U . -17.25 21.36 -29.13
C1 EDO V . -28.31 -1.03 -7.14
O1 EDO V . -27.27 -1.92 -6.99
C2 EDO V . -28.56 -0.71 -5.70
O2 EDO V . -29.22 0.47 -5.62
C1 EDO W . -10.14 14.84 10.26
O1 EDO W . -9.18 14.25 11.07
C2 EDO W . -9.36 15.44 9.14
O2 EDO W . -10.37 15.58 8.16
C1 EDO X . 14.82 30.99 -17.51
O1 EDO X . 16.25 30.69 -17.57
C2 EDO X . 13.92 29.80 -17.04
O2 EDO X . 12.73 30.16 -16.27
C1 EDO Y . -10.94 26.68 -14.27
O1 EDO Y . -11.09 27.49 -13.03
C2 EDO Y . -11.39 27.25 -15.57
O2 EDO Y . -10.43 27.77 -16.49
C1 EDO Z . 10.57 23.59 -1.39
O1 EDO Z . 11.64 24.43 -1.00
C2 EDO Z . 9.76 23.17 -0.17
O2 EDO Z . 10.52 22.82 1.01
C1 EDO AA . 2.03 14.88 8.82
O1 EDO AA . 0.66 14.69 9.24
C2 EDO AA . 2.15 15.12 7.29
O2 EDO AA . 1.28 16.21 6.88
C1 EDO BA . 13.19 24.95 -19.81
O1 EDO BA . 12.22 24.05 -20.31
C2 EDO BA . 14.02 24.27 -18.72
O2 EDO BA . 14.66 25.15 -17.78
C1 EDO CA . 16.25 23.50 -12.05
O1 EDO CA . 16.86 22.69 -11.01
C2 EDO CA . 16.18 22.76 -13.38
O2 EDO CA . 16.34 23.66 -14.50
C1 EDO DA . -30.41 1.76 -17.19
O1 EDO DA . -30.48 0.37 -16.79
C2 EDO DA . -31.19 2.57 -16.16
O2 EDO DA . -31.20 4.00 -16.48
C1 EDO EA . 14.47 -2.86 -10.01
O1 EDO EA . 14.19 -4.20 -9.47
C2 EDO EA . 14.71 -2.80 -11.52
O2 EDO EA . 14.18 -1.59 -12.16
C1 EDO FA . -13.52 -8.67 -12.30
O1 EDO FA . -14.87 -8.21 -12.22
C2 EDO FA . -12.82 -8.91 -10.95
O2 EDO FA . -13.47 -8.36 -9.77
C1 EDO GA . -16.12 -8.87 -15.41
O1 EDO GA . -17.52 -9.20 -15.28
C2 EDO GA . -15.50 -9.29 -16.76
O2 EDO GA . -16.23 -8.88 -17.95
C1 EDO HA . -23.93 22.92 -22.75
O1 EDO HA . -23.99 22.19 -24.01
C2 EDO HA . -24.52 24.34 -22.68
O2 EDO HA . -23.71 25.24 -21.88
C1 EDO IA . -3.01 20.31 -26.13
O1 EDO IA . -3.50 19.14 -26.71
C2 EDO IA . -3.71 21.70 -26.36
O2 EDO IA . -2.83 22.86 -26.65
C1 EDO JA . -15.32 5.24 15.48
O1 EDO JA . -16.09 4.78 14.38
C2 EDO JA . -13.99 5.86 15.06
O2 EDO JA . -13.90 6.74 13.94
C1 EDO KA . 0.75 2.98 -27.67
O1 EDO KA . 0.53 2.12 -28.83
C2 EDO KA . 2.21 3.05 -27.15
O2 EDO KA . 3.07 3.98 -27.82
C1 PEG LA . -0.99 -7.42 -3.71
O1 PEG LA . -2.39 -7.49 -3.62
C2 PEG LA . -0.25 -6.50 -4.67
O2 PEG LA . -1.26 -5.82 -5.47
C3 PEG LA . -0.63 -4.96 -6.47
C4 PEG LA . 0.77 -5.44 -6.37
O4 PEG LA . 1.71 -4.92 -7.14
C1 PEG MA . -3.79 29.71 -13.24
C1 PEG MA . -3.70 29.65 -13.26
O1 PEG MA . -3.11 30.50 -12.26
O1 PEG MA . -3.10 30.51 -12.29
C2 PEG MA . -3.49 30.07 -14.69
C2 PEG MA . -3.48 30.04 -14.72
O2 PEG MA . -4.65 30.27 -15.46
O2 PEG MA . -4.72 30.25 -15.33
C3 PEG MA . -5.29 31.53 -15.86
C3 PEG MA . -5.14 31.47 -16.04
C4 PEG MA . -6.81 31.43 -15.65
C4 PEG MA . -5.98 32.32 -15.13
O4 PEG MA . -7.41 32.72 -15.45
O4 PEG MA . -5.43 32.04 -13.83
C1 PEG NA . -9.05 -2.19 -31.17
O1 PEG NA . -8.87 -3.03 -30.03
C2 PEG NA . -8.41 -0.90 -30.86
O2 PEG NA . -8.80 -0.10 -31.93
C3 PEG NA . -9.26 1.20 -31.73
C4 PEG NA . -10.59 1.39 -32.38
O4 PEG NA . -10.34 2.52 -33.14
C1 PEG OA . -2.86 -5.17 -28.28
O1 PEG OA . -3.28 -6.13 -27.35
C2 PEG OA . -3.78 -4.80 -29.45
O2 PEG OA . -3.45 -3.39 -29.41
C3 PEG OA . -4.47 -2.46 -29.82
C4 PEG OA . -3.94 -1.19 -30.44
O4 PEG OA . -4.66 -0.80 -31.66
C1 PEG PA . -6.62 1.85 -31.66
O1 PEG PA . -6.24 0.75 -30.91
C2 PEG PA . -5.53 2.73 -32.17
O2 PEG PA . -6.15 3.57 -33.11
C3 PEG PA . -5.83 4.97 -33.07
C4 PEG PA . -4.35 5.31 -33.05
O4 PEG PA . -4.10 6.57 -32.37
CO NCO QA . -17.22 18.79 4.70
N1 NCO QA . -18.71 19.86 3.83
N2 NCO QA . -15.72 17.69 5.59
N3 NCO QA . -17.54 17.20 3.40
N4 NCO QA . -15.82 19.49 3.38
N5 NCO QA . -16.84 20.36 6.01
N6 NCO QA . -18.59 18.04 6.05
CO NCO RA . -15.21 7.97 18.73
CO NCO RA . -18.06 6.74 17.80
N1 NCO RA . -14.75 9.88 19.06
N1 NCO RA . -16.45 7.58 16.96
N2 NCO RA . -15.68 6.06 18.35
N2 NCO RA . -19.61 5.84 18.71
N3 NCO RA . -16.78 8.73 17.77
N3 NCO RA . -19.21 8.33 17.48
N4 NCO RA . -16.36 7.95 20.37
N4 NCO RA . -17.46 7.50 19.52
N5 NCO RA . -13.66 7.25 19.69
N5 NCO RA . -16.89 5.11 18.11
N6 NCO RA . -14.08 8.00 17.06
N6 NCO RA . -18.64 5.94 16.05
OAB W88 SA . 17.25 -5.84 3.34
OAB W88 SA . 17.25 -5.84 3.34
CAT W88 SA . 16.28 -5.33 2.78
CAT W88 SA . 16.28 -5.33 2.78
OAF W88 SA . 16.39 -4.46 1.84
OAF W88 SA . 16.39 -4.46 1.84
CAX W88 SA . 14.92 -5.62 3.21
CAX W88 SA . 14.92 -5.61 3.22
NAQ W88 SA . 14.09 -4.48 3.42
NAQ W88 SA . 14.09 -4.48 3.42
CAY W88 SA . 12.77 -4.61 3.76
CAY W88 SA . 12.77 -4.61 3.76
OAC W88 SA . 12.04 -3.62 3.89
OAC W88 SA . 12.04 -3.62 3.89
NAR W88 SA . 12.28 -5.89 3.86
NAR W88 SA . 12.28 -5.89 3.86
CAZ W88 SA . 13.04 -7.03 3.70
CAZ W88 SA . 13.04 -7.03 3.70
OAD W88 SA . 12.47 -8.14 3.78
OAD W88 SA . 12.47 -8.14 3.79
CAW W88 SA . 14.39 -6.88 3.34
CAW W88 SA . 14.39 -6.87 3.35
CAP W88 SA . 15.18 -8.07 3.15
CAP W88 SA . 15.19 -8.05 3.15
CAN W88 SA . 14.90 -8.80 1.79
CAN W88 SA . 14.88 -8.80 1.85
CAM W88 SA . 15.41 -7.89 0.68
CAM W88 SA . 15.41 -8.03 0.66
CAO W88 SA . 15.28 -8.56 -0.72
CAO W88 SA . 15.23 -8.98 -0.53
CAU W88 SA . 16.34 -8.18 -1.58
CAU W88 SA . 15.87 -8.58 -1.74
CAK W88 SA . 17.05 -9.11 -2.30
CAK W88 SA . 15.05 -8.14 -2.78
CBA W88 SA . 18.09 -8.77 -3.16
CBA W88 SA . 15.62 -7.76 -4.02
CAJ W88 SA . 18.74 -9.78 -3.86
CAJ W88 SA . 14.83 -7.26 -5.08
CAH W88 SA . 19.78 -9.45 -4.70
CAH W88 SA . 15.49 -6.90 -6.27
CAV W88 SA . 20.13 -8.13 -4.87
CAV W88 SA . 16.88 -7.00 -6.42
CAS W88 SA . 21.21 -7.92 -5.67
CAS W88 SA . 17.54 -6.59 -7.59
OAE W88 SA . 21.18 -8.21 -6.88
OAE W88 SA . 16.86 -6.15 -8.50
OAA W88 SA . 22.26 -7.53 -5.08
OAA W88 SA . 18.81 -6.52 -7.69
CAL W88 SA . 19.50 -7.08 -4.17
CAL W88 SA . 17.62 -7.46 -5.35
CBB W88 SA . 18.47 -7.44 -3.31
CBB W88 SA . 17.00 -7.85 -4.18
CAI W88 SA . 17.74 -6.53 -2.59
CAI W88 SA . 17.80 -8.30 -3.13
CAG W88 SA . 16.68 -6.88 -1.76
CAG W88 SA . 17.25 -8.66 -1.93
C1 GOL TA . 10.06 -4.69 1.17
O1 GOL TA . 9.42 -3.92 0.13
C2 GOL TA . 10.26 -6.10 0.67
O2 GOL TA . 9.33 -6.38 -0.41
C3 GOL TA . 11.74 -6.20 0.32
O3 GOL TA . 12.05 -7.37 -0.47
C1 GOL UA . 9.31 13.79 2.86
O1 GOL UA . 8.03 14.27 3.38
C2 GOL UA . 10.55 14.67 3.02
O2 GOL UA . 10.32 15.99 2.80
C3 GOL UA . 11.73 14.32 2.11
O3 GOL UA . 12.92 15.03 2.54
C1 GOL VA . 20.11 0.67 9.63
C1 GOL VA . 21.00 1.15 9.69
O1 GOL VA . 20.78 -0.65 9.61
O1 GOL VA . 20.28 -0.07 9.43
C2 GOL VA . 20.54 1.69 8.54
C2 GOL VA . 20.32 2.25 8.90
O2 GOL VA . 21.95 1.66 8.32
O2 GOL VA . 18.97 1.74 8.82
C3 GOL VA . 20.07 3.06 8.89
C3 GOL VA . 20.54 3.54 9.73
O3 GOL VA . 20.54 4.03 7.90
O3 GOL VA . 20.74 4.69 8.91
C1 GOL WA . -1.40 -17.97 25.34
O1 GOL WA . -0.51 -16.97 25.63
C2 GOL WA . -2.30 -17.90 24.07
O2 GOL WA . -3.21 -16.78 24.04
C3 GOL WA . -1.33 -17.88 22.87
O3 GOL WA . -2.05 -18.45 21.73
C1 GOL XA . -2.79 -22.15 18.81
O1 GOL XA . -3.08 -21.20 19.86
C2 GOL XA . -2.98 -21.49 17.43
O2 GOL XA . -2.19 -22.12 16.42
C3 GOL XA . -4.44 -21.48 16.98
O3 GOL XA . -4.67 -20.48 16.00
C1 GOL YA . 11.36 -18.50 30.30
O1 GOL YA . 10.89 -19.83 30.41
C2 GOL YA . 12.77 -18.31 29.74
O2 GOL YA . 13.59 -17.92 30.87
C3 GOL YA . 12.81 -17.22 28.64
O3 GOL YA . 11.89 -17.46 27.54
C1 GOL ZA . -10.18 -16.72 13.63
O1 GOL ZA . -9.95 -17.57 12.47
C2 GOL ZA . -9.65 -17.40 14.97
O2 GOL ZA . -10.67 -18.14 15.66
C3 GOL ZA . -8.50 -18.41 14.76
O3 GOL ZA . -7.50 -18.57 15.82
C1 GOL AB . 31.09 -16.88 -0.16
O1 GOL AB . 31.67 -16.68 1.13
C2 GOL AB . 31.37 -15.77 -1.12
O2 GOL AB . 30.48 -15.92 -2.25
C3 GOL AB . 31.19 -14.43 -0.42
O3 GOL AB . 32.02 -14.27 0.78
C1 GOL BB . 16.71 14.82 0.51
O1 GOL BB . 17.37 13.81 1.20
C2 GOL BB . 17.41 14.70 -0.87
O2 GOL BB . 18.31 15.78 -1.19
C3 GOL BB . 18.30 13.45 -0.82
O3 GOL BB . 18.90 13.09 -2.04
C1 GOL CB . -9.94 -19.99 -1.68
O1 GOL CB . -10.92 -18.93 -1.59
C2 GOL CB . -8.83 -19.75 -2.72
O2 GOL CB . -9.22 -18.95 -3.86
C3 GOL CB . -8.31 -21.14 -3.15
O3 GOL CB . -7.06 -21.04 -3.88
C1 GOL DB . 5.98 9.40 17.01
O1 GOL DB . 4.68 8.90 17.15
C2 GOL DB . 6.13 10.19 15.71
O2 GOL DB . 6.00 11.60 15.93
C3 GOL DB . 7.48 9.73 15.09
O3 GOL DB . 7.53 10.04 13.66
AS CAC EB . 22.73 -1.37 12.57
O1 CAC EB . 23.80 -2.79 12.71
O2 CAC EB . 21.16 -1.87 11.93
C1 CAC EB . 23.69 -0.16 11.38
C2 CAC EB . 22.04 -0.78 14.41
AS CAC FB . -8.40 -21.29 18.07
O1 CAC FB . -8.89 -21.03 16.42
O2 CAC FB . -7.33 -22.68 18.15
C1 CAC FB . -7.51 -19.68 18.77
C2 CAC FB . -9.99 -21.65 19.16
N1 FMN GB . 11.91 -7.40 6.91
C2 FMN GB . 12.43 -8.63 6.86
O2 FMN GB . 11.65 -9.60 6.96
N3 FMN GB . 13.78 -8.85 6.81
C4 FMN GB . 14.68 -7.89 6.80
O4 FMN GB . 15.92 -8.16 6.81
C4A FMN GB . 14.20 -6.59 6.77
N5 FMN GB . 15.05 -5.55 6.80
C5A FMN GB . 14.58 -4.29 7.07
C6 FMN GB . 15.42 -3.23 7.23
C7 FMN GB . 15.06 -1.91 7.44
C7M FMN GB . 16.03 -0.77 7.70
C8 FMN GB . 13.64 -1.66 7.57
C8M FMN GB . 13.09 -0.35 7.91
C9 FMN GB . 12.73 -2.75 7.45
C9A FMN GB . 13.19 -4.04 7.15
N10 FMN GB . 12.30 -5.14 7.02
C10 FMN GB . 12.79 -6.41 6.88
C1' FMN GB . 10.84 -4.89 7.11
C2' FMN GB . 10.45 -4.77 8.57
O2' FMN GB . 10.67 -6.02 9.25
C3' FMN GB . 8.98 -4.47 8.72
O3' FMN GB . 8.24 -5.56 8.12
C4' FMN GB . 8.56 -3.14 8.07
O4' FMN GB . 9.59 -2.15 8.32
C5' FMN GB . 7.20 -2.61 8.54
O5' FMN GB . 7.19 -2.44 10.00
P FMN GB . 7.28 -0.91 10.56
O1P FMN GB . 7.31 -1.11 12.07
O2P FMN GB . 6.13 -0.15 10.04
O3P FMN GB . 8.61 -0.34 9.99
C1 EDO HB . 27.95 -17.43 6.11
O1 EDO HB . 27.31 -18.77 5.88
C2 EDO HB . 29.53 -17.31 6.17
O2 EDO HB . 30.44 -17.83 5.18
C1 EDO IB . 11.21 10.87 12.83
O1 EDO IB . 12.27 9.97 13.15
C2 EDO IB . 11.84 11.64 11.71
O2 EDO IB . 10.97 12.66 11.28
C1 EDO JB . 9.46 5.91 17.65
O1 EDO JB . 8.34 6.31 18.29
C2 EDO JB . 9.99 6.67 16.45
O2 EDO JB . 9.83 8.08 16.55
C1 EDO KB . 0.07 9.62 14.25
O1 EDO KB . 0.83 10.09 15.33
C2 EDO KB . 0.27 10.41 12.94
O2 EDO KB . 1.32 11.44 12.87
C1 EDO LB . 27.32 7.79 2.35
O1 EDO LB . 27.77 6.77 3.26
C2 EDO LB . 28.19 7.84 1.10
O2 EDO LB . 27.70 8.83 0.17
C1 EDO MB . 24.16 -20.69 24.63
O1 EDO MB . 23.60 -21.94 24.14
C2 EDO MB . 24.25 -20.59 26.14
O2 EDO MB . 23.83 -19.29 26.56
C1 EDO NB . 22.40 0.98 -7.02
O1 EDO NB . 21.94 0.30 -5.87
C2 EDO NB . 22.52 2.46 -6.79
O2 EDO NB . 23.63 3.01 -7.43
C1 EDO OB . 14.37 -27.26 23.02
O1 EDO OB . 15.33 -26.48 23.78
C2 EDO OB . 14.32 -26.69 21.60
O2 EDO OB . 13.42 -27.21 20.59
C1 EDO PB . 11.94 -10.62 27.76
O1 EDO PB . 12.12 -11.58 28.72
C2 EDO PB . 11.25 -9.44 28.28
O2 EDO PB . 12.38 -8.72 28.43
C1 EDO QB . 5.63 -25.38 18.12
O1 EDO QB . 4.49 -25.13 17.23
C2 EDO QB . 6.91 -24.54 17.77
O2 EDO QB . 8.07 -24.61 18.62
C1 EDO RB . -10.33 4.46 25.59
O1 EDO RB . -10.95 3.60 26.58
C2 EDO RB . -9.44 3.54 24.84
O2 EDO RB . -8.61 4.02 23.84
C1 EDO SB . 3.59 -6.83 32.21
O1 EDO SB . 3.19 -8.19 32.23
C2 EDO SB . 5.07 -6.57 31.79
O2 EDO SB . 5.31 -5.60 30.74
C1 EDO TB . 1.94 -5.49 34.95
O1 EDO TB . 3.23 -4.89 35.24
C2 EDO TB . 0.84 -4.97 35.88
O2 EDO TB . 0.51 -3.60 35.54
C1 EDO UB . 24.48 -5.83 -3.70
O1 EDO UB . 23.25 -5.31 -3.13
C2 EDO UB . 25.36 -4.70 -4.22
O2 EDO UB . 24.55 -3.70 -4.84
C1 EDO VB . 4.63 14.26 13.76
O1 EDO VB . 5.95 13.77 14.10
C2 EDO VB . 4.50 15.00 12.40
O2 EDO VB . 3.56 14.32 11.52
C1 PEG WB . 12.13 15.74 10.85
C1 PEG WB . 11.53 16.74 9.71
O1 PEG WB . 11.05 15.40 11.74
O1 PEG WB . 10.24 17.09 9.23
C2 PEG WB . 11.72 15.44 9.41
C2 PEG WB . 11.81 15.26 9.54
O2 PEG WB . 12.65 15.98 8.46
O2 PEG WB . 11.98 14.90 8.13
C3 PEG WB . 12.05 16.75 7.40
C3 PEG WB . 11.42 15.91 7.30
C4 PEG WB . 10.98 15.95 6.64
C4 PEG WB . 10.15 15.57 6.55
O4 PEG WB . 10.02 16.83 6.04
O4 PEG WB . 9.07 16.38 6.97
C1 PEG XB . 22.09 -28.14 0.89
O1 PEG XB . 22.06 -28.99 2.11
C2 PEG XB . 20.99 -28.13 -0.21
O2 PEG XB . 20.93 -27.01 -1.20
C3 PEG XB . 19.63 -26.82 -1.85
C4 PEG XB . 19.15 -28.01 -2.71
O4 PEG XB . 17.70 -28.24 -2.90
C1 PEG YB . 15.98 -3.92 -2.47
O1 PEG YB . 16.81 -3.38 -1.43
C2 PEG YB . 16.84 -4.37 -3.62
O2 PEG YB . 17.32 -3.36 -4.49
C3 PEG YB . 18.58 -3.77 -5.01
C4 PEG YB . 19.18 -2.62 -5.82
O4 PEG YB . 18.58 -2.67 -7.12
#